data_4XJM
#
_entry.id   4XJM
#
_cell.length_a   63.058
_cell.length_b   66.052
_cell.length_c   203.890
_cell.angle_alpha   90.000
_cell.angle_beta   90.000
_cell.angle_gamma   90.000
#
_symmetry.space_group_name_H-M   'P 21 21 21'
#
loop_
_entity.id
_entity.type
_entity.pdbx_description
1 polymer 'Adenosylmethionine-8-amino-7-oxononanoate aminotransferase'
2 non-polymer 3-{1-[(5-acetylthiophen-2-yl)carbonyl]piperidin-4-yl}-N-(3-methoxyphenyl)propanamide
3 non-polymer "PYRIDOXAL-5'-PHOSPHATE"
4 water water
#
_entity_poly.entity_id   1
_entity_poly.type   'polypeptide(L)'
_entity_poly.pdbx_seq_one_letter_code
;MGSSHHHHHHSSGLVPRGSHMAAATGGLTPEQIIAVDGAHLWHPYSSIGREAVSPVVAVAAHGAWLTLIRDGQPIEVLDA
MSSWWTAIHGHGHPALDQALTTQLRVMNHVMFGGLTHEPAARLAKLLVDITPAGLDTVFFSDSGSVSVEVAAKMALQYWR
GRGLPGKRRLMTWRGGYHGDTFLAMSICDPHGGMHSLWTDVLAAQVFAPQVPRDYDPAYSAAFEAQLAQHAGELAAVVVE
PVVQGAGGMRFHDPRYLHDLRDICRRYEVLLIFDEIATGFGRTGALFAADHAGVSPDIMCVGKALTGGYLSLAATLCTAD
VAHTISAGAAGALMHGPTFMANPLACAVSVASVELLLGQDWRTRITELAAGLTAGLDTARALPAVTDVRVCGAIGVIECD
RPVDLAVATPAALDRGVWLRPFRNLVYAMPPYICTPAEITQITSAMVEVARLVGSLP
;
_entity_poly.pdbx_strand_id   A,B
#
loop_
_chem_comp.id
_chem_comp.type
_chem_comp.name
_chem_comp.formula
41E non-polymer 3-{1-[(5-acetylthiophen-2-yl)carbonyl]piperidin-4-yl}-N-(3-methoxyphenyl)propanamide 'C22 H26 N2 O4 S'
PLP non-polymer PYRIDOXAL-5'-PHOSPHATE 'C8 H10 N O6 P'
#
# COMPACT_ATOMS: atom_id res chain seq x y z
N LEU A 28 15.37 7.85 22.15
CA LEU A 28 15.92 6.49 22.44
C LEU A 28 17.38 6.39 22.01
N THR A 29 18.19 5.72 22.84
CA THR A 29 19.58 5.43 22.48
C THR A 29 19.59 4.23 21.52
N PRO A 30 20.69 4.02 20.79
CA PRO A 30 20.75 2.84 19.91
C PRO A 30 20.47 1.52 20.64
N GLU A 31 20.96 1.40 21.87
CA GLU A 31 20.69 0.21 22.68
C GLU A 31 19.21 0.07 23.03
N GLN A 32 18.55 1.19 23.29
CA GLN A 32 17.12 1.20 23.58
C GLN A 32 16.28 0.84 22.35
N ILE A 33 16.72 1.32 21.18
CA ILE A 33 16.08 0.99 19.91
C ILE A 33 16.16 -0.51 19.64
N ILE A 34 17.34 -1.08 19.85
CA ILE A 34 17.54 -2.53 19.68
C ILE A 34 16.61 -3.33 20.61
N ALA A 35 16.48 -2.89 21.86
CA ALA A 35 15.62 -3.58 22.83
C ALA A 35 14.15 -3.56 22.43
N VAL A 36 13.65 -2.38 22.06
CA VAL A 36 12.28 -2.23 21.57
C VAL A 36 12.08 -3.04 20.29
N ASP A 37 13.05 -2.95 19.39
CA ASP A 37 12.97 -3.65 18.10
C ASP A 37 12.84 -5.17 18.27
N GLY A 38 13.68 -5.76 19.11
CA GLY A 38 13.68 -7.21 19.32
C GLY A 38 12.38 -7.69 19.93
N ALA A 39 11.79 -6.85 20.77
CA ALA A 39 10.55 -7.20 21.47
C ALA A 39 9.30 -6.98 20.62
N HIS A 40 9.31 -5.98 19.75
CA HIS A 40 8.05 -5.49 19.17
C HIS A 40 7.97 -5.35 17.68
N LEU A 41 9.10 -5.38 16.97
CA LEU A 41 9.08 -5.09 15.52
C LEU A 41 9.33 -6.28 14.61
N TRP A 42 8.37 -6.56 13.73
CA TRP A 42 8.61 -7.46 12.60
C TRP A 42 9.43 -6.77 11.58
N HIS A 43 10.32 -7.51 10.92
CA HIS A 43 11.08 -7.03 9.75
C HIS A 43 10.70 -7.81 8.51
N PRO A 44 11.13 -7.35 7.31
CA PRO A 44 10.73 -8.08 6.09
C PRO A 44 11.14 -9.54 6.15
N TYR A 45 10.20 -10.44 5.87
CA TYR A 45 10.49 -11.87 5.73
C TYR A 45 11.28 -12.41 6.92
N SER A 46 10.87 -12.02 8.12
CA SER A 46 11.60 -12.31 9.35
C SER A 46 10.75 -13.06 10.36
N SER A 47 11.39 -13.41 11.46
CA SER A 47 10.71 -13.99 12.60
C SER A 47 10.62 -12.95 13.70
N ILE A 48 9.94 -13.31 14.78
CA ILE A 48 10.04 -12.58 16.04
C ILE A 48 10.82 -13.47 17.00
N GLY A 49 11.95 -12.96 17.49
CA GLY A 49 12.75 -13.64 18.51
C GLY A 49 13.64 -14.78 18.04
N ARG A 50 13.73 -14.98 16.73
CA ARG A 50 14.54 -16.05 16.16
C ARG A 50 15.50 -15.56 15.07
N GLU A 51 15.84 -14.27 15.14
CA GLU A 51 16.74 -13.66 14.18
C GLU A 51 18.20 -14.02 14.48
N ALA A 52 18.91 -14.53 13.47
CA ALA A 52 20.31 -14.90 13.60
C ALA A 52 21.19 -13.67 13.83
N VAL A 53 20.82 -12.57 13.18
CA VAL A 53 21.52 -11.29 13.31
C VAL A 53 20.52 -10.22 13.77
N SER A 54 20.92 -9.39 14.72
CA SER A 54 20.15 -8.20 15.07
C SER A 54 20.22 -7.20 13.92
N PRO A 55 19.15 -6.41 13.73
CA PRO A 55 19.28 -5.34 12.74
C PRO A 55 20.28 -4.29 13.23
N VAL A 56 20.86 -3.54 12.30
CA VAL A 56 21.79 -2.47 12.63
C VAL A 56 21.00 -1.16 12.72
N VAL A 57 21.26 -0.36 13.75
CA VAL A 57 20.57 0.92 13.93
C VAL A 57 21.08 1.97 12.94
N ALA A 58 20.16 2.54 12.18
CA ALA A 58 20.46 3.66 11.29
C ALA A 58 20.01 4.95 11.97
N VAL A 59 20.88 5.96 11.97
CA VAL A 59 20.58 7.21 12.67
C VAL A 59 20.56 8.43 11.76
N ALA A 60 21.04 8.28 10.52
CA ALA A 60 20.99 9.35 9.53
C ALA A 60 21.19 8.80 8.12
N ALA A 61 20.76 9.59 7.13
CA ALA A 61 21.02 9.30 5.72
C ALA A 61 21.16 10.61 4.97
N HIS A 62 22.25 10.75 4.24
CA HIS A 62 22.56 11.97 3.50
C HIS A 62 23.32 11.60 2.25
N GLY A 63 22.77 11.98 1.09
CA GLY A 63 23.39 11.64 -0.20
C GLY A 63 23.44 10.13 -0.39
N ALA A 64 24.60 9.61 -0.75
CA ALA A 64 24.75 8.17 -0.95
C ALA A 64 25.12 7.41 0.33
N TRP A 65 25.11 8.12 1.46
CA TRP A 65 25.66 7.58 2.71
C TRP A 65 24.65 7.42 3.80
N LEU A 66 24.80 6.32 4.54
CA LEU A 66 24.00 6.08 5.74
C LEU A 66 24.91 6.20 6.94
N THR A 67 24.37 6.69 8.05
CA THR A 67 25.09 6.65 9.32
C THR A 67 24.50 5.54 10.16
N LEU A 68 25.31 4.52 10.42
CA LEU A 68 24.89 3.33 11.17
C LEU A 68 25.65 3.24 12.47
N ILE A 69 25.05 2.60 13.47
CA ILE A 69 25.72 2.38 14.75
C ILE A 69 26.38 1.00 14.77
N ARG A 70 27.70 1.01 14.93
CA ARG A 70 28.48 -0.22 15.01
C ARG A 70 29.32 -0.20 16.27
N ASP A 71 29.08 -1.19 17.14
CA ASP A 71 29.74 -1.29 18.45
C ASP A 71 29.72 0.03 19.22
N GLY A 72 28.55 0.68 19.22
CA GLY A 72 28.34 1.93 19.94
C GLY A 72 28.78 3.20 19.23
N GLN A 73 29.41 3.05 18.07
CA GLN A 73 29.97 4.19 17.33
C GLN A 73 29.26 4.41 16.00
N PRO A 74 28.97 5.69 15.65
CA PRO A 74 28.44 6.01 14.33
C PRO A 74 29.49 5.85 13.24
N ILE A 75 29.12 5.15 12.16
CA ILE A 75 29.99 4.98 11.00
C ILE A 75 29.24 5.35 9.71
N GLU A 76 29.96 5.96 8.78
CA GLU A 76 29.43 6.35 7.48
C GLU A 76 29.65 5.23 6.48
N VAL A 77 28.57 4.75 5.85
CA VAL A 77 28.69 3.69 4.84
C VAL A 77 27.87 4.00 3.59
N LEU A 78 28.33 3.51 2.45
CA LEU A 78 27.63 3.73 1.20
C LEU A 78 26.36 2.86 1.12
N ASP A 79 25.27 3.49 0.70
CA ASP A 79 23.99 2.79 0.52
C ASP A 79 24.02 2.09 -0.84
N ALA A 80 24.72 0.97 -0.91
CA ALA A 80 24.91 0.27 -2.19
C ALA A 80 23.61 -0.34 -2.73
N MET A 81 22.63 -0.50 -1.85
CA MET A 81 21.33 -1.10 -2.21
C MET A 81 20.30 -0.05 -2.63
N SER A 82 20.69 1.23 -2.57
CA SER A 82 19.75 2.36 -2.71
C SER A 82 18.51 2.17 -1.83
N SER A 83 18.71 1.62 -0.63
CA SER A 83 17.59 1.37 0.29
C SER A 83 16.47 0.61 -0.42
N TRP A 84 16.83 -0.55 -0.95
CA TRP A 84 15.92 -1.43 -1.69
C TRP A 84 15.39 -0.79 -2.96
N TRP A 85 16.31 -0.30 -3.79
CA TRP A 85 16.01 0.27 -5.13
C TRP A 85 15.36 1.62 -5.15
N THR A 86 15.22 2.27 -4.00
CA THR A 86 14.38 3.47 -3.93
C THR A 86 15.15 4.79 -4.11
N ALA A 87 16.36 4.85 -3.57
CA ALA A 87 17.08 6.12 -3.40
C ALA A 87 17.92 6.53 -4.62
N ILE A 88 17.27 6.67 -5.77
CA ILE A 88 17.98 6.95 -7.02
C ILE A 88 18.79 8.25 -7.02
N HIS A 89 18.31 9.27 -6.29
CA HIS A 89 19.01 10.57 -6.23
C HIS A 89 19.74 10.73 -4.92
N GLY A 90 19.87 9.63 -4.19
CA GLY A 90 20.40 9.66 -2.82
C GLY A 90 19.42 10.25 -1.82
N HIS A 91 19.82 10.26 -0.55
CA HIS A 91 18.97 10.72 0.54
C HIS A 91 19.13 12.20 0.75
N GLY A 92 18.04 12.86 1.16
CA GLY A 92 18.12 14.29 1.52
C GLY A 92 18.63 15.17 0.38
N HIS A 93 18.24 14.85 -0.84
CA HIS A 93 18.52 15.73 -1.98
C HIS A 93 17.79 17.02 -1.80
N PRO A 94 18.49 18.17 -1.96
CA PRO A 94 17.81 19.45 -1.68
C PRO A 94 16.54 19.71 -2.51
N ALA A 95 16.53 19.28 -3.77
CA ALA A 95 15.37 19.50 -4.64
C ALA A 95 14.15 18.72 -4.14
N LEU A 96 14.39 17.54 -3.60
CA LEU A 96 13.31 16.66 -3.17
C LEU A 96 12.83 17.07 -1.77
N ASP A 97 13.78 17.38 -0.89
CA ASP A 97 13.45 17.95 0.42
C ASP A 97 12.57 19.19 0.26
N GLN A 98 12.99 20.09 -0.64
CA GLN A 98 12.27 21.36 -0.86
C GLN A 98 10.87 21.13 -1.43
N ALA A 99 10.76 20.17 -2.36
CA ALA A 99 9.47 19.83 -2.95
C ALA A 99 8.48 19.35 -1.88
N LEU A 100 8.97 18.53 -0.95
CA LEU A 100 8.13 18.04 0.14
C LEU A 100 7.66 19.17 1.05
N THR A 101 8.60 20.01 1.51
CA THR A 101 8.25 21.10 2.43
C THR A 101 7.38 22.17 1.77
N THR A 102 7.58 22.41 0.48
CA THR A 102 6.72 23.35 -0.26
C THR A 102 5.29 22.85 -0.30
N GLN A 103 5.09 21.57 -0.62
CA GLN A 103 3.74 21.02 -0.64
C GLN A 103 3.11 20.99 0.75
N LEU A 104 3.94 20.69 1.75
CA LEU A 104 3.49 20.64 3.13
C LEU A 104 2.89 21.97 3.58
N ARG A 105 3.47 23.07 3.09
CA ARG A 105 3.00 24.41 3.41
C ARG A 105 1.58 24.70 2.91
N VAL A 106 1.19 24.06 1.80
CA VAL A 106 -0.11 24.35 1.20
C VAL A 106 -1.20 23.29 1.47
N MET A 107 -0.85 22.01 1.30
CA MET A 107 -1.85 20.94 1.40
C MET A 107 -1.20 19.58 1.60
N ASN A 108 -1.33 19.03 2.82
CA ASN A 108 -0.78 17.70 3.10
C ASN A 108 -1.46 16.58 2.32
N HIS A 109 -2.78 16.60 2.32
CA HIS A 109 -3.59 15.56 1.72
C HIS A 109 -5.02 16.00 1.66
N VAL A 110 -5.71 15.58 0.60
CA VAL A 110 -7.18 15.59 0.54
C VAL A 110 -7.63 14.26 -0.06
N MET A 111 -8.87 13.86 0.24
CA MET A 111 -9.44 12.65 -0.36
C MET A 111 -9.59 12.81 -1.88
N PHE A 112 -9.24 11.76 -2.62
CA PHE A 112 -9.31 11.81 -4.08
C PHE A 112 -10.71 11.46 -4.61
N GLY A 113 -11.62 11.12 -3.70
CA GLY A 113 -13.02 10.89 -4.08
C GLY A 113 -13.76 12.21 -4.24
N GLY A 114 -13.93 12.65 -5.48
CA GLY A 114 -14.64 13.90 -5.80
C GLY A 114 -13.78 15.15 -5.88
N LEU A 115 -12.49 15.01 -5.55
CA LEU A 115 -11.55 16.12 -5.60
C LEU A 115 -10.34 15.75 -6.45
N THR A 116 -9.74 16.75 -7.06
CA THR A 116 -8.45 16.58 -7.73
C THR A 116 -7.49 17.68 -7.27
N HIS A 117 -6.22 17.59 -7.68
CA HIS A 117 -5.21 18.56 -7.25
C HIS A 117 -4.03 18.63 -8.17
N GLU A 118 -3.23 19.68 -7.98
CA GLU A 118 -2.10 19.95 -8.87
C GLU A 118 -1.01 18.86 -8.85
N PRO A 119 -0.59 18.37 -7.65
CA PRO A 119 0.42 17.31 -7.68
C PRO A 119 0.01 16.07 -8.48
N ALA A 120 -1.24 15.62 -8.33
CA ALA A 120 -1.74 14.47 -9.08
C ALA A 120 -1.74 14.72 -10.58
N ALA A 121 -2.21 15.89 -10.99
CA ALA A 121 -2.27 16.26 -12.40
C ALA A 121 -0.88 16.41 -13.00
N ARG A 122 0.02 17.10 -12.29
CA ARG A 122 1.40 17.26 -12.73
C ARG A 122 2.10 15.90 -12.91
N LEU A 123 1.92 15.01 -11.95
CA LEU A 123 2.57 13.71 -12.03
C LEU A 123 1.96 12.81 -13.10
N ALA A 124 0.63 12.82 -13.22
CA ALA A 124 -0.03 12.04 -14.26
C ALA A 124 0.43 12.48 -15.65
N LYS A 125 0.50 13.79 -15.87
CA LYS A 125 0.95 14.33 -17.15
C LYS A 125 2.37 13.88 -17.49
N LEU A 126 3.27 14.00 -16.51
CA LEU A 126 4.65 13.52 -16.66
C LEU A 126 4.71 12.04 -16.98
N LEU A 127 4.00 11.22 -16.20
CA LEU A 127 4.08 9.77 -16.38
C LEU A 127 3.55 9.33 -17.73
N VAL A 128 2.46 9.95 -18.18
CA VAL A 128 1.89 9.63 -19.49
C VAL A 128 2.88 9.98 -20.60
N ASP A 129 3.60 11.09 -20.43
N ASP A 129 3.57 11.11 -20.46
CA ASP A 129 4.50 11.62 -21.46
CA ASP A 129 4.50 11.56 -21.48
C ASP A 129 5.86 10.93 -21.55
C ASP A 129 5.70 10.64 -21.64
N ILE A 130 6.25 10.19 -20.51
CA ILE A 130 7.56 9.51 -20.49
C ILE A 130 7.51 7.99 -20.57
N THR A 131 6.35 7.40 -20.28
CA THR A 131 6.22 5.95 -20.33
C THR A 131 6.03 5.47 -21.77
N PRO A 132 6.20 4.15 -22.04
CA PRO A 132 5.99 3.66 -23.41
C PRO A 132 4.67 4.14 -24.01
N ALA A 133 4.69 4.43 -25.31
CA ALA A 133 3.56 5.05 -26.00
C ALA A 133 2.24 4.32 -25.79
N GLY A 134 1.18 5.09 -25.58
CA GLY A 134 -0.17 4.55 -25.50
C GLY A 134 -0.69 4.41 -24.08
N LEU A 135 0.18 4.58 -23.10
CA LEU A 135 -0.23 4.49 -21.71
C LEU A 135 -0.75 5.85 -21.24
N ASP A 136 -2.06 6.03 -21.37
CA ASP A 136 -2.70 7.35 -21.30
C ASP A 136 -3.48 7.64 -20.02
N THR A 137 -3.65 6.64 -19.17
CA THR A 137 -4.37 6.83 -17.92
C THR A 137 -3.56 6.30 -16.75
N VAL A 138 -3.74 6.91 -15.57
CA VAL A 138 -2.89 6.65 -14.40
C VAL A 138 -3.76 6.45 -13.16
N PHE A 139 -3.59 5.30 -12.52
CA PHE A 139 -4.23 5.00 -11.25
C PHE A 139 -3.16 4.99 -10.16
N PHE A 140 -3.23 5.94 -9.24
CA PHE A 140 -2.27 5.99 -8.13
C PHE A 140 -2.68 5.08 -6.97
N SER A 141 -1.69 4.40 -6.38
CA SER A 141 -1.89 3.63 -5.14
C SER A 141 -0.69 3.82 -4.23
N ASP A 142 -0.64 3.07 -3.13
CA ASP A 142 0.38 3.36 -2.11
C ASP A 142 1.54 2.37 -2.06
N SER A 143 1.48 1.32 -2.88
CA SER A 143 2.56 0.33 -2.91
C SER A 143 2.56 -0.49 -4.19
N GLY A 144 3.74 -1.04 -4.50
CA GLY A 144 3.90 -1.86 -5.69
C GLY A 144 2.96 -3.04 -5.76
N SER A 145 2.81 -3.76 -4.64
CA SER A 145 1.91 -4.92 -4.61
C SER A 145 0.48 -4.50 -4.93
N VAL A 146 0.04 -3.37 -4.37
CA VAL A 146 -1.29 -2.88 -4.69
C VAL A 146 -1.41 -2.53 -6.17
N SER A 147 -0.36 -1.91 -6.72
CA SER A 147 -0.38 -1.53 -8.13
C SER A 147 -0.51 -2.74 -9.05
N VAL A 148 0.08 -3.87 -8.63
CA VAL A 148 -0.04 -5.13 -9.36
C VAL A 148 -1.47 -5.69 -9.26
N GLU A 149 -2.07 -5.60 -8.07
CA GLU A 149 -3.46 -6.01 -7.89
C GLU A 149 -4.39 -5.15 -8.76
N VAL A 150 -4.10 -3.86 -8.85
CA VAL A 150 -4.86 -2.94 -9.70
C VAL A 150 -4.70 -3.30 -11.18
N ALA A 151 -3.49 -3.64 -11.60
CA ALA A 151 -3.23 -4.09 -12.97
C ALA A 151 -4.06 -5.32 -13.31
N ALA A 152 -4.06 -6.29 -12.41
CA ALA A 152 -4.85 -7.51 -12.61
C ALA A 152 -6.33 -7.21 -12.67
N LYS A 153 -6.80 -6.32 -11.78
CA LYS A 153 -8.20 -5.90 -11.79
C LYS A 153 -8.59 -5.21 -13.10
N MET A 154 -7.70 -4.35 -13.60
CA MET A 154 -7.92 -3.72 -14.90
C MET A 154 -8.09 -4.76 -16.00
N ALA A 155 -7.19 -5.74 -16.04
CA ALA A 155 -7.24 -6.79 -17.05
C ALA A 155 -8.52 -7.62 -16.95
N LEU A 156 -8.90 -7.99 -15.72
CA LEU A 156 -10.11 -8.79 -15.51
C LEU A 156 -11.36 -8.02 -15.89
N GLN A 157 -11.45 -6.77 -15.43
CA GLN A 157 -12.58 -5.91 -15.75
C GLN A 157 -12.67 -5.59 -17.24
N TYR A 158 -11.51 -5.50 -17.90
CA TYR A 158 -11.46 -5.27 -19.33
C TYR A 158 -12.22 -6.38 -20.06
N TRP A 159 -11.84 -7.63 -19.78
CA TRP A 159 -12.45 -8.76 -20.48
C TRP A 159 -13.89 -8.93 -20.12
N ARG A 160 -14.24 -8.66 -18.87
CA ARG A 160 -15.64 -8.68 -18.44
C ARG A 160 -16.46 -7.63 -19.21
N GLY A 161 -15.86 -6.48 -19.45
CA GLY A 161 -16.45 -5.43 -20.30
C GLY A 161 -16.61 -5.86 -21.74
N ARG A 162 -15.82 -6.83 -22.19
CA ARG A 162 -15.92 -7.39 -23.54
C ARG A 162 -16.86 -8.60 -23.58
N GLY A 163 -17.49 -8.92 -22.46
CA GLY A 163 -18.37 -10.09 -22.38
C GLY A 163 -17.64 -11.42 -22.43
N LEU A 164 -16.38 -11.42 -21.99
CA LEU A 164 -15.56 -12.62 -21.98
C LEU A 164 -14.97 -12.88 -20.59
N PRO A 165 -15.84 -13.17 -19.61
CA PRO A 165 -15.38 -13.30 -18.22
C PRO A 165 -14.55 -14.55 -17.98
N GLY A 166 -14.56 -15.48 -18.94
CA GLY A 166 -13.71 -16.67 -18.88
C GLY A 166 -12.23 -16.33 -18.94
N LYS A 167 -11.91 -15.16 -19.48
CA LYS A 167 -10.53 -14.67 -19.53
C LYS A 167 -10.15 -14.06 -18.17
N ARG A 168 -9.70 -14.92 -17.26
CA ARG A 168 -9.48 -14.51 -15.88
C ARG A 168 -8.20 -15.01 -15.24
N ARG A 169 -7.45 -15.83 -15.97
CA ARG A 169 -6.16 -16.34 -15.48
C ARG A 169 -5.03 -15.45 -15.95
N LEU A 170 -3.88 -15.58 -15.30
CA LEU A 170 -2.67 -14.86 -15.68
C LEU A 170 -1.60 -15.84 -16.11
N MET A 171 -0.77 -15.42 -17.05
CA MET A 171 0.38 -16.20 -17.48
C MET A 171 1.65 -15.41 -17.25
N THR A 172 2.69 -16.11 -16.80
CA THR A 172 4.00 -15.51 -16.63
C THR A 172 5.10 -16.55 -16.90
N TRP A 173 6.35 -16.12 -16.81
CA TRP A 173 7.47 -17.04 -16.84
C TRP A 173 8.03 -17.19 -15.46
N ARG A 174 8.76 -18.27 -15.23
CA ARG A 174 9.35 -18.53 -13.91
C ARG A 174 10.44 -17.52 -13.58
N GLY A 175 10.81 -17.46 -12.29
CA GLY A 175 11.86 -16.56 -11.80
C GLY A 175 11.38 -15.16 -11.44
N GLY A 176 10.06 -14.96 -11.50
CA GLY A 176 9.48 -13.62 -11.31
C GLY A 176 9.15 -13.27 -9.87
N TYR A 177 8.98 -11.98 -9.63
CA TYR A 177 8.48 -11.47 -8.35
C TYR A 177 7.59 -10.26 -8.61
N HIS A 178 6.44 -10.23 -7.94
CA HIS A 178 5.44 -9.17 -8.18
C HIS A 178 4.80 -8.62 -6.93
N GLY A 179 5.38 -8.93 -5.78
CA GLY A 179 4.84 -8.43 -4.51
C GLY A 179 4.27 -9.50 -3.62
N ASP A 180 3.74 -9.07 -2.48
CA ASP A 180 3.42 -9.98 -1.36
C ASP A 180 1.93 -10.12 -1.04
N THR A 181 1.06 -9.34 -1.67
CA THR A 181 -0.37 -9.54 -1.51
C THR A 181 -0.78 -10.81 -2.26
N PHE A 182 -1.95 -11.37 -1.96
CA PHE A 182 -2.26 -12.73 -2.41
C PHE A 182 -2.36 -12.97 -3.92
N LEU A 183 -2.90 -12.02 -4.68
CA LEU A 183 -2.92 -12.16 -6.14
CA LEU A 183 -2.92 -12.16 -6.13
C LEU A 183 -1.50 -12.00 -6.67
N ALA A 184 -0.78 -11.01 -6.17
CA ALA A 184 0.62 -10.80 -6.57
C ALA A 184 1.46 -12.06 -6.35
N MET A 185 1.24 -12.74 -5.21
CA MET A 185 1.94 -13.99 -4.88
C MET A 185 1.70 -15.09 -5.92
N SER A 186 0.53 -15.07 -6.54
CA SER A 186 0.12 -16.14 -7.46
C SER A 186 0.96 -16.17 -8.74
N ILE A 187 1.62 -15.06 -9.05
CA ILE A 187 2.50 -14.98 -10.22
C ILE A 187 3.99 -14.91 -9.87
N CYS A 188 4.31 -14.96 -8.57
N CYS A 188 4.29 -14.99 -8.57
CA CYS A 188 5.68 -15.04 -8.14
CA CYS A 188 5.67 -15.13 -8.09
C CYS A 188 6.18 -16.47 -8.40
C CYS A 188 6.17 -16.49 -8.52
N ASP A 189 7.48 -16.64 -8.62
CA ASP A 189 8.07 -17.95 -8.92
C ASP A 189 7.57 -18.97 -7.90
N PRO A 190 7.02 -20.12 -8.38
CA PRO A 190 6.46 -21.12 -7.48
C PRO A 190 7.47 -21.77 -6.53
N HIS A 191 8.75 -21.74 -6.87
CA HIS A 191 9.80 -22.23 -5.97
C HIS A 191 10.29 -21.14 -5.06
N GLY A 192 10.48 -19.95 -5.63
CA GLY A 192 10.95 -18.78 -4.90
C GLY A 192 9.91 -18.22 -3.94
N GLY A 193 8.64 -18.46 -4.26
CA GLY A 193 7.53 -18.02 -3.42
C GLY A 193 6.91 -19.16 -2.64
N MET A 194 7.68 -20.24 -2.49
CA MET A 194 7.24 -21.47 -1.80
C MET A 194 5.73 -21.67 -1.87
N HIS A 195 5.25 -21.93 -3.08
CA HIS A 195 3.83 -22.16 -3.35
C HIS A 195 3.34 -23.46 -2.75
N SER A 196 4.28 -24.30 -2.29
CA SER A 196 3.95 -25.49 -1.53
C SER A 196 3.52 -25.13 -0.11
N LEU A 197 3.97 -23.97 0.36
CA LEU A 197 3.54 -23.42 1.64
C LEU A 197 2.21 -22.68 1.50
N TRP A 198 1.84 -22.37 0.25
CA TRP A 198 0.56 -21.71 -0.05
C TRP A 198 -0.27 -22.51 -1.03
N THR A 199 -0.24 -23.84 -0.85
CA THR A 199 -0.84 -24.81 -1.79
C THR A 199 -2.23 -24.45 -2.33
N ASP A 200 -3.24 -24.59 -1.48
CA ASP A 200 -4.63 -24.48 -1.89
C ASP A 200 -5.21 -23.08 -1.77
N VAL A 201 -4.36 -22.11 -1.45
CA VAL A 201 -4.83 -20.75 -1.19
C VAL A 201 -4.63 -19.77 -2.35
N LEU A 202 -3.61 -20.00 -3.17
CA LEU A 202 -3.29 -19.10 -4.28
C LEU A 202 -4.04 -19.47 -5.56
N ALA A 203 -4.41 -18.45 -6.33
CA ALA A 203 -4.95 -18.68 -7.68
C ALA A 203 -3.92 -19.46 -8.50
N ALA A 204 -4.39 -20.47 -9.23
CA ALA A 204 -3.52 -21.29 -10.06
C ALA A 204 -3.28 -20.62 -11.41
N GLN A 205 -2.06 -20.11 -11.61
CA GLN A 205 -1.74 -19.38 -12.83
C GLN A 205 -0.91 -20.23 -13.79
N VAL A 206 -0.69 -19.71 -14.99
CA VAL A 206 0.06 -20.42 -16.01
C VAL A 206 1.53 -19.98 -16.02
N PHE A 207 2.42 -20.95 -15.85
CA PHE A 207 3.87 -20.67 -15.81
C PHE A 207 4.62 -21.27 -16.98
N ALA A 208 5.27 -20.40 -17.75
CA ALA A 208 6.25 -20.81 -18.75
C ALA A 208 7.58 -21.02 -18.04
N PRO A 209 8.50 -21.79 -18.65
CA PRO A 209 9.83 -22.00 -18.06
C PRO A 209 10.61 -20.70 -17.90
N GLN A 210 11.66 -20.75 -17.09
CA GLN A 210 12.54 -19.61 -16.87
C GLN A 210 13.01 -19.03 -18.21
N VAL A 211 12.83 -17.72 -18.39
CA VAL A 211 13.32 -17.06 -19.60
C VAL A 211 14.85 -17.03 -19.60
N PRO A 212 15.49 -17.49 -20.69
CA PRO A 212 16.95 -17.54 -20.72
C PRO A 212 17.58 -16.16 -20.86
N ARG A 213 18.88 -16.07 -20.55
CA ARG A 213 19.62 -14.84 -20.72
C ARG A 213 19.76 -14.48 -22.21
N ASP A 214 20.28 -15.43 -22.99
CA ASP A 214 20.51 -15.20 -24.42
C ASP A 214 19.24 -15.50 -25.21
N TYR A 215 19.08 -14.81 -26.34
CA TYR A 215 17.91 -15.00 -27.18
C TYR A 215 17.89 -16.37 -27.85
N ASP A 216 16.78 -17.08 -27.68
CA ASP A 216 16.57 -18.37 -28.31
C ASP A 216 15.15 -18.40 -28.88
N PRO A 217 15.03 -18.38 -30.22
CA PRO A 217 13.70 -18.37 -30.86
C PRO A 217 12.85 -19.55 -30.41
N ALA A 218 13.49 -20.65 -30.03
CA ALA A 218 12.80 -21.85 -29.55
C ALA A 218 12.00 -21.58 -28.28
N TYR A 219 12.54 -20.72 -27.40
CA TYR A 219 11.82 -20.38 -26.17
C TYR A 219 10.51 -19.65 -26.45
N SER A 220 10.57 -18.65 -27.33
CA SER A 220 9.40 -17.85 -27.70
C SER A 220 8.36 -18.70 -28.41
N ALA A 221 8.83 -19.63 -29.25
CA ALA A 221 7.94 -20.58 -29.92
C ALA A 221 7.19 -21.44 -28.90
N ALA A 222 7.90 -21.92 -27.89
CA ALA A 222 7.29 -22.72 -26.82
C ALA A 222 6.34 -21.88 -25.98
N PHE A 223 6.72 -20.63 -25.73
CA PHE A 223 5.86 -19.70 -24.98
C PHE A 223 4.53 -19.53 -25.70
N GLU A 224 4.59 -19.29 -27.01
CA GLU A 224 3.40 -19.14 -27.84
C GLU A 224 2.54 -20.41 -27.83
N ALA A 225 3.18 -21.57 -28.00
CA ALA A 225 2.47 -22.85 -28.03
C ALA A 225 1.69 -23.09 -26.73
N GLN A 226 2.28 -22.71 -25.60
CA GLN A 226 1.63 -22.86 -24.30
C GLN A 226 0.51 -21.83 -24.13
N LEU A 227 0.78 -20.58 -24.48
CA LEU A 227 -0.23 -19.53 -24.39
C LEU A 227 -1.44 -19.85 -25.28
N ALA A 228 -1.16 -20.38 -26.48
CA ALA A 228 -2.20 -20.76 -27.44
C ALA A 228 -3.24 -21.71 -26.84
N GLN A 229 -2.76 -22.64 -26.02
CA GLN A 229 -3.61 -23.62 -25.35
C GLN A 229 -4.55 -22.99 -24.33
N HIS A 230 -4.10 -21.90 -23.71
CA HIS A 230 -4.82 -21.26 -22.63
C HIS A 230 -5.45 -19.94 -23.01
N ALA A 231 -5.33 -19.54 -24.27
CA ALA A 231 -5.70 -18.17 -24.66
C ALA A 231 -7.10 -17.75 -24.22
N GLY A 232 -8.07 -18.65 -24.35
CA GLY A 232 -9.46 -18.39 -23.99
C GLY A 232 -9.74 -18.22 -22.51
N GLU A 233 -8.78 -18.61 -21.68
CA GLU A 233 -8.91 -18.41 -20.24
C GLU A 233 -7.92 -17.39 -19.66
N LEU A 234 -7.11 -16.78 -20.52
CA LEU A 234 -6.09 -15.83 -20.07
C LEU A 234 -6.51 -14.38 -20.24
N ALA A 235 -6.50 -13.63 -19.13
CA ALA A 235 -6.70 -12.19 -19.17
C ALA A 235 -5.43 -11.47 -19.62
N ALA A 236 -4.29 -11.93 -19.14
CA ALA A 236 -3.04 -11.20 -19.33
C ALA A 236 -1.79 -12.05 -19.15
N VAL A 237 -0.72 -11.63 -19.84
CA VAL A 237 0.64 -12.05 -19.54
C VAL A 237 1.22 -10.95 -18.66
N VAL A 238 1.86 -11.32 -17.55
CA VAL A 238 2.48 -10.33 -16.66
C VAL A 238 3.93 -10.72 -16.46
N VAL A 239 4.85 -9.82 -16.80
CA VAL A 239 6.29 -10.07 -16.63
C VAL A 239 7.04 -8.83 -16.16
N GLU A 240 8.20 -9.05 -15.54
CA GLU A 240 9.20 -8.00 -15.33
C GLU A 240 10.03 -7.91 -16.61
N PRO A 241 10.07 -6.72 -17.25
CA PRO A 241 10.84 -6.59 -18.49
C PRO A 241 12.36 -6.46 -18.28
N VAL A 242 13.12 -7.29 -19.01
CA VAL A 242 14.59 -7.27 -19.06
C VAL A 242 15.31 -7.78 -17.80
N VAL A 243 14.95 -7.23 -16.65
CA VAL A 243 15.55 -7.62 -15.39
C VAL A 243 14.50 -8.19 -14.43
N GLN A 244 14.73 -9.42 -13.99
CA GLN A 244 13.93 -10.00 -12.91
C GLN A 244 14.67 -9.73 -11.61
N GLY A 245 14.04 -8.98 -10.71
CA GLY A 245 14.72 -8.49 -9.51
C GLY A 245 14.80 -9.48 -8.35
N ALA A 246 13.78 -9.44 -7.50
CA ALA A 246 13.78 -10.23 -6.26
C ALA A 246 13.80 -11.74 -6.46
N GLY A 247 13.41 -12.20 -7.64
CA GLY A 247 13.42 -13.63 -7.97
C GLY A 247 14.78 -14.17 -8.37
N GLY A 248 15.79 -13.32 -8.42
CA GLY A 248 17.15 -13.79 -8.69
C GLY A 248 18.07 -12.91 -9.50
N MET A 249 17.72 -11.63 -9.65
CA MET A 249 18.58 -10.66 -10.35
C MET A 249 19.08 -11.21 -11.70
N ARG A 250 18.15 -11.76 -12.48
CA ARG A 250 18.42 -12.36 -13.78
C ARG A 250 18.12 -11.37 -14.90
N PHE A 251 18.95 -11.37 -15.94
CA PHE A 251 18.71 -10.51 -17.09
C PHE A 251 18.35 -11.37 -18.30
N HIS A 252 17.45 -10.87 -19.14
CA HIS A 252 17.13 -11.56 -20.40
C HIS A 252 17.17 -10.63 -21.58
N ASP A 253 17.43 -11.19 -22.76
CA ASP A 253 17.48 -10.42 -23.99
C ASP A 253 16.17 -9.67 -24.23
N PRO A 254 16.25 -8.35 -24.54
CA PRO A 254 15.05 -7.55 -24.80
C PRO A 254 14.16 -8.07 -25.94
N ARG A 255 14.72 -8.82 -26.89
CA ARG A 255 13.95 -9.36 -28.01
C ARG A 255 12.79 -10.24 -27.55
N TYR A 256 12.94 -10.90 -26.40
CA TYR A 256 11.84 -11.68 -25.83
C TYR A 256 10.59 -10.84 -25.59
N LEU A 257 10.77 -9.56 -25.26
CA LEU A 257 9.63 -8.67 -25.02
C LEU A 257 8.92 -8.32 -26.31
N HIS A 258 9.69 -8.20 -27.39
CA HIS A 258 9.14 -8.01 -28.72
C HIS A 258 8.27 -9.19 -29.10
N ASP A 259 8.77 -10.39 -28.81
CA ASP A 259 8.01 -11.63 -29.05
C ASP A 259 6.73 -11.67 -28.20
N LEU A 260 6.85 -11.36 -26.91
CA LEU A 260 5.67 -11.33 -26.04
C LEU A 260 4.59 -10.40 -26.57
N ARG A 261 4.98 -9.20 -27.01
CA ARG A 261 4.05 -8.21 -27.55
C ARG A 261 3.32 -8.76 -28.77
N ASP A 262 4.08 -9.40 -29.66
CA ASP A 262 3.53 -10.03 -30.85
C ASP A 262 2.55 -11.16 -30.52
N ILE A 263 2.99 -12.08 -29.65
CA ILE A 263 2.14 -13.21 -29.22
C ILE A 263 0.85 -12.70 -28.60
N CYS A 264 0.96 -11.75 -27.69
CA CYS A 264 -0.20 -11.19 -27.01
C CYS A 264 -1.19 -10.53 -27.97
N ARG A 265 -0.68 -9.81 -28.95
CA ARG A 265 -1.53 -9.19 -29.99
C ARG A 265 -2.27 -10.25 -30.81
N ARG A 266 -1.56 -11.29 -31.22
CA ARG A 266 -2.13 -12.32 -32.10
C ARG A 266 -3.17 -13.21 -31.44
N TYR A 267 -3.01 -13.46 -30.14
CA TYR A 267 -3.95 -14.31 -29.40
C TYR A 267 -4.91 -13.54 -28.50
N GLU A 268 -4.89 -12.21 -28.60
CA GLU A 268 -5.77 -11.33 -27.83
C GLU A 268 -5.70 -11.60 -26.31
N VAL A 269 -4.50 -11.43 -25.78
CA VAL A 269 -4.24 -11.50 -24.35
C VAL A 269 -3.54 -10.19 -24.02
N LEU A 270 -3.92 -9.54 -22.94
CA LEU A 270 -3.28 -8.27 -22.59
C LEU A 270 -1.85 -8.51 -22.11
N LEU A 271 -1.00 -7.50 -22.31
CA LEU A 271 0.38 -7.56 -21.83
C LEU A 271 0.60 -6.55 -20.71
N ILE A 272 1.07 -7.05 -19.57
CA ILE A 272 1.34 -6.21 -18.42
C ILE A 272 2.83 -6.26 -18.10
N PHE A 273 3.47 -5.09 -18.05
CA PHE A 273 4.85 -4.99 -17.59
C PHE A 273 4.91 -4.43 -16.18
N ASP A 274 5.53 -5.21 -15.29
CA ASP A 274 5.78 -4.78 -13.92
C ASP A 274 7.16 -4.12 -13.91
N GLU A 275 7.18 -2.79 -13.91
CA GLU A 275 8.42 -2.04 -13.90
C GLU A 275 8.67 -1.40 -12.54
N ILE A 276 8.13 -2.04 -11.50
CA ILE A 276 8.30 -1.50 -10.14
C ILE A 276 9.78 -1.44 -9.74
N ALA A 277 10.59 -2.43 -10.16
CA ALA A 277 12.03 -2.41 -9.91
C ALA A 277 12.84 -1.77 -11.04
N THR A 278 12.40 -1.92 -12.28
CA THR A 278 13.18 -1.49 -13.45
C THR A 278 13.02 -0.03 -13.86
N GLY A 279 11.96 0.62 -13.38
CA GLY A 279 11.62 1.99 -13.83
C GLY A 279 12.64 3.07 -13.54
N PHE A 280 12.49 4.19 -14.24
CA PHE A 280 13.25 5.42 -13.93
C PHE A 280 14.76 5.29 -14.06
N GLY A 281 15.19 4.66 -15.15
CA GLY A 281 16.59 4.68 -15.57
C GLY A 281 17.45 3.52 -15.09
N ARG A 282 16.91 2.70 -14.20
CA ARG A 282 17.74 1.71 -13.48
C ARG A 282 18.49 0.70 -14.35
N THR A 283 17.86 0.27 -15.45
CA THR A 283 18.47 -0.71 -16.37
C THR A 283 19.24 -0.07 -17.53
N GLY A 284 19.35 1.25 -17.52
CA GLY A 284 20.07 1.96 -18.58
C GLY A 284 19.17 2.61 -19.62
N ALA A 285 17.89 2.23 -19.62
CA ALA A 285 16.86 2.92 -20.38
C ALA A 285 15.89 3.54 -19.38
N LEU A 286 15.07 4.49 -19.81
CA LEU A 286 14.20 5.17 -18.86
C LEU A 286 13.25 4.16 -18.23
N PHE A 287 12.68 3.32 -19.07
CA PHE A 287 11.93 2.14 -18.63
C PHE A 287 12.49 0.94 -19.38
N ALA A 288 12.48 -0.22 -18.75
CA ALA A 288 13.13 -1.40 -19.34
C ALA A 288 12.46 -1.82 -20.66
N ALA A 289 11.17 -1.56 -20.79
CA ALA A 289 10.42 -1.80 -22.03
C ALA A 289 11.07 -1.08 -23.22
N ASP A 290 11.69 0.07 -22.94
CA ASP A 290 12.35 0.87 -23.99
C ASP A 290 13.51 0.13 -24.66
N HIS A 291 14.10 -0.86 -23.97
CA HIS A 291 15.17 -1.68 -24.59
C HIS A 291 14.67 -2.46 -25.77
N ALA A 292 13.35 -2.66 -25.83
CA ALA A 292 12.73 -3.40 -26.93
C ALA A 292 11.78 -2.56 -27.79
N GLY A 293 11.57 -1.30 -27.40
CA GLY A 293 10.60 -0.41 -28.07
C GLY A 293 9.15 -0.85 -27.89
N VAL A 294 8.90 -1.66 -26.87
CA VAL A 294 7.60 -2.30 -26.68
C VAL A 294 6.72 -1.50 -25.74
N SER A 295 5.43 -1.40 -26.09
CA SER A 295 4.41 -0.83 -25.20
C SER A 295 3.50 -1.94 -24.68
N PRO A 296 3.41 -2.09 -23.36
CA PRO A 296 2.43 -3.01 -22.81
C PRO A 296 1.05 -2.35 -22.80
N ASP A 297 -0.01 -3.13 -22.52
CA ASP A 297 -1.35 -2.57 -22.35
C ASP A 297 -1.52 -1.93 -20.99
N ILE A 298 -0.81 -2.49 -20.00
CA ILE A 298 -0.87 -2.04 -18.60
C ILE A 298 0.55 -2.07 -18.05
N MET A 299 0.89 -1.11 -17.20
CA MET A 299 2.24 -1.00 -16.65
C MET A 299 2.20 -0.57 -15.18
N CYS A 300 3.06 -1.18 -14.37
CA CYS A 300 3.20 -0.81 -12.95
C CYS A 300 4.54 -0.17 -12.65
N VAL A 301 4.52 0.89 -11.84
CA VAL A 301 5.75 1.55 -11.36
C VAL A 301 5.65 1.78 -9.85
N GLY A 302 6.79 1.92 -9.17
CA GLY A 302 6.76 2.15 -7.73
C GLY A 302 8.00 2.51 -6.94
N LYS A 303 8.98 1.62 -6.91
CA LYS A 303 10.08 1.76 -5.93
C LYS A 303 10.80 3.10 -5.96
N ALA A 304 11.23 3.52 -7.14
CA ALA A 304 12.01 4.76 -7.27
C ALA A 304 11.13 5.94 -7.64
N LEU A 305 9.82 5.72 -7.68
CA LEU A 305 8.89 6.76 -8.13
C LEU A 305 9.00 8.07 -7.34
N THR A 306 9.14 7.99 -6.02
CA THR A 306 9.29 9.17 -5.17
C THR A 306 10.75 9.49 -4.82
N GLY A 307 11.70 8.88 -5.52
CA GLY A 307 13.11 9.01 -5.15
C GLY A 307 13.44 8.40 -3.79
N GLY A 308 12.58 7.51 -3.32
CA GLY A 308 12.80 6.79 -2.06
C GLY A 308 12.46 7.58 -0.81
N TYR A 309 11.57 8.56 -0.94
CA TYR A 309 11.14 9.35 0.20
C TYR A 309 9.91 8.75 0.85
N LEU A 310 8.95 8.38 0.03
CA LEU A 310 7.62 8.00 0.49
C LEU A 310 7.03 6.87 -0.36
N SER A 311 6.15 6.08 0.25
CA SER A 311 5.44 5.03 -0.47
CA SER A 311 5.46 5.03 -0.49
C SER A 311 4.49 5.64 -1.50
N LEU A 312 4.59 5.16 -2.74
CA LEU A 312 3.70 5.56 -3.83
C LEU A 312 3.94 4.62 -4.99
N ALA A 313 2.87 4.28 -5.69
CA ALA A 313 2.95 3.46 -6.89
C ALA A 313 1.91 3.93 -7.89
N ALA A 314 2.06 3.50 -9.14
CA ALA A 314 1.09 3.86 -10.17
C ALA A 314 0.87 2.69 -11.12
N THR A 315 -0.37 2.54 -11.56
CA THR A 315 -0.71 1.59 -12.61
C THR A 315 -1.26 2.40 -13.77
N LEU A 316 -0.63 2.23 -14.94
CA LEU A 316 -1.07 2.93 -16.15
C LEU A 316 -1.70 1.94 -17.10
N CYS A 317 -2.71 2.39 -17.85
CA CYS A 317 -3.26 1.56 -18.92
C CYS A 317 -3.66 2.40 -20.12
N THR A 318 -3.87 1.72 -21.25
CA THR A 318 -4.23 2.40 -22.49
C THR A 318 -5.62 3.01 -22.41
N ALA A 319 -5.92 3.94 -23.32
CA ALA A 319 -7.26 4.50 -23.46
C ALA A 319 -8.27 3.40 -23.75
N ASP A 320 -7.90 2.46 -24.62
CA ASP A 320 -8.78 1.36 -24.96
C ASP A 320 -9.18 0.54 -23.74
N VAL A 321 -8.20 0.18 -22.91
CA VAL A 321 -8.48 -0.55 -21.67
C VAL A 321 -9.39 0.28 -20.76
N ALA A 322 -9.06 1.57 -20.59
CA ALA A 322 -9.82 2.47 -19.72
C ALA A 322 -11.26 2.63 -20.19
N HIS A 323 -11.44 2.79 -21.50
CA HIS A 323 -12.77 2.98 -22.09
C HIS A 323 -13.62 1.75 -22.01
N THR A 324 -13.00 0.58 -22.23
CA THR A 324 -13.72 -0.70 -22.17
C THR A 324 -14.20 -0.98 -20.74
N ILE A 325 -13.36 -0.70 -19.75
CA ILE A 325 -13.77 -0.79 -18.34
C ILE A 325 -14.91 0.17 -18.05
N SER A 326 -14.78 1.41 -18.52
CA SER A 326 -15.77 2.45 -18.24
C SER A 326 -17.12 2.22 -18.94
N ALA A 327 -17.10 1.50 -20.06
CA ALA A 327 -18.32 1.18 -20.82
C ALA A 327 -18.97 -0.12 -20.38
N GLY A 328 -18.30 -0.86 -19.49
CA GLY A 328 -18.82 -2.13 -18.97
C GLY A 328 -19.94 -1.96 -17.97
N ALA A 329 -20.52 -3.10 -17.54
CA ALA A 329 -21.64 -3.12 -16.59
C ALA A 329 -21.34 -2.40 -15.27
N ALA A 330 -20.10 -2.54 -14.80
CA ALA A 330 -19.65 -1.87 -13.59
C ALA A 330 -19.58 -0.35 -13.78
N GLY A 331 -19.17 0.07 -14.97
CA GLY A 331 -19.07 1.50 -15.30
C GLY A 331 -17.88 2.21 -14.66
N ALA A 332 -17.03 1.44 -13.98
CA ALA A 332 -15.92 2.01 -13.22
C ALA A 332 -14.90 0.93 -12.87
N LEU A 333 -13.66 1.33 -12.63
CA LEU A 333 -12.67 0.43 -12.08
C LEU A 333 -12.90 0.39 -10.57
N MET A 334 -13.22 -0.79 -10.05
CA MET A 334 -13.69 -0.90 -8.68
C MET A 334 -12.53 -1.01 -7.67
N HIS A 335 -11.85 0.13 -7.48
CA HIS A 335 -10.69 0.22 -6.61
C HIS A 335 -10.52 1.65 -6.21
N GLY A 336 -10.08 1.90 -4.98
CA GLY A 336 -9.90 3.27 -4.50
C GLY A 336 -9.24 3.33 -3.14
N PRO A 337 -7.90 3.38 -3.10
CA PRO A 337 -7.14 3.45 -1.84
C PRO A 337 -7.39 4.75 -1.06
N THR A 338 -7.36 4.65 0.27
CA THR A 338 -7.55 5.81 1.16
C THR A 338 -6.66 6.98 0.77
N PHE A 339 -5.37 6.69 0.59
CA PHE A 339 -4.40 7.74 0.29
C PHE A 339 -4.09 7.90 -1.20
N MET A 340 -5.03 7.45 -2.04
CA MET A 340 -4.90 7.60 -3.49
C MET A 340 -4.44 9.00 -3.88
N ALA A 341 -3.36 9.06 -4.65
CA ALA A 341 -2.79 10.31 -5.18
C ALA A 341 -2.40 11.32 -4.09
N ASN A 342 -1.91 10.83 -2.95
CA ASN A 342 -1.47 11.69 -1.84
C ASN A 342 -0.63 12.88 -2.33
N PRO A 343 -1.08 14.12 -2.07
CA PRO A 343 -0.34 15.29 -2.55
C PRO A 343 1.14 15.34 -2.16
N LEU A 344 1.47 14.95 -0.92
CA LEU A 344 2.87 14.99 -0.50
C LEU A 344 3.72 14.03 -1.35
N ALA A 345 3.27 12.78 -1.44
CA ALA A 345 3.98 11.77 -2.22
C ALA A 345 4.07 12.16 -3.70
N CYS A 346 2.96 12.66 -4.26
CA CYS A 346 2.95 13.10 -5.65
C CYS A 346 3.91 14.25 -5.90
N ALA A 347 3.94 15.22 -4.98
CA ALA A 347 4.81 16.39 -5.12
C ALA A 347 6.30 16.00 -5.14
N VAL A 348 6.70 15.10 -4.25
CA VAL A 348 8.09 14.68 -4.23
CA VAL A 348 8.09 14.64 -4.21
C VAL A 348 8.41 13.83 -5.46
N SER A 349 7.44 13.05 -5.94
CA SER A 349 7.61 12.26 -7.16
CA SER A 349 7.62 12.26 -7.15
C SER A 349 7.82 13.16 -8.36
N VAL A 350 7.01 14.23 -8.47
CA VAL A 350 7.17 15.21 -9.54
C VAL A 350 8.61 15.71 -9.56
N ALA A 351 9.12 16.12 -8.39
CA ALA A 351 10.49 16.65 -8.28
C ALA A 351 11.53 15.61 -8.66
N SER A 352 11.33 14.37 -8.22
CA SER A 352 12.28 13.29 -8.52
C SER A 352 12.33 12.98 -10.01
N VAL A 353 11.16 12.91 -10.66
CA VAL A 353 11.09 12.63 -12.09
C VAL A 353 11.67 13.79 -12.89
N GLU A 354 11.32 15.02 -12.52
CA GLU A 354 11.89 16.20 -13.18
C GLU A 354 13.40 16.29 -12.98
N LEU A 355 13.88 15.95 -11.79
CA LEU A 355 15.32 15.93 -11.53
C LEU A 355 16.05 14.92 -12.44
N LEU A 356 15.44 13.76 -12.64
CA LEU A 356 16.01 12.74 -13.51
C LEU A 356 16.03 13.19 -14.98
N LEU A 357 14.89 13.74 -15.44
CA LEU A 357 14.77 14.15 -16.84
C LEU A 357 15.59 15.39 -17.16
N GLY A 358 15.86 16.21 -16.15
CA GLY A 358 16.59 17.47 -16.32
C GLY A 358 18.10 17.36 -16.42
N GLN A 359 18.61 16.14 -16.22
CA GLN A 359 20.04 15.85 -16.36
C GLN A 359 20.24 14.83 -17.47
N ASP A 360 21.50 14.62 -17.87
CA ASP A 360 21.84 13.58 -18.83
C ASP A 360 21.92 12.23 -18.11
N TRP A 361 20.76 11.69 -17.77
CA TRP A 361 20.68 10.46 -16.98
C TRP A 361 21.25 9.27 -17.71
N ARG A 362 21.14 9.25 -19.04
CA ARG A 362 21.60 8.10 -19.82
C ARG A 362 23.11 7.96 -19.74
N THR A 363 23.81 9.07 -19.85
CA THR A 363 25.27 9.08 -19.71
C THR A 363 25.66 8.70 -18.29
N ARG A 364 24.93 9.22 -17.31
CA ARG A 364 25.18 8.91 -15.90
C ARG A 364 25.09 7.40 -15.63
N ILE A 365 24.04 6.76 -16.15
CA ILE A 365 23.85 5.31 -15.94
C ILE A 365 24.88 4.48 -16.70
N THR A 366 25.26 4.93 -17.90
CA THR A 366 26.30 4.26 -18.68
C THR A 366 27.64 4.29 -17.93
N GLU A 367 27.96 5.44 -17.35
CA GLU A 367 29.16 5.59 -16.53
C GLU A 367 29.13 4.67 -15.31
N LEU A 368 27.97 4.61 -14.64
CA LEU A 368 27.79 3.73 -13.50
C LEU A 368 27.98 2.27 -13.87
N ALA A 369 27.34 1.86 -14.96
CA ALA A 369 27.45 0.49 -15.45
C ALA A 369 28.91 0.15 -15.77
N ALA A 370 29.60 1.08 -16.42
CA ALA A 370 31.03 0.88 -16.72
C ALA A 370 31.85 0.69 -15.45
N GLY A 371 31.53 1.48 -14.42
CA GLY A 371 32.20 1.39 -13.12
C GLY A 371 31.95 0.05 -12.45
N LEU A 372 30.71 -0.42 -12.51
CA LEU A 372 30.35 -1.72 -11.95
C LEU A 372 31.05 -2.86 -12.71
N THR A 373 31.03 -2.80 -14.03
CA THR A 373 31.71 -3.81 -14.87
C THR A 373 33.20 -3.88 -14.56
N ALA A 374 33.87 -2.74 -14.59
CA ALA A 374 35.30 -2.67 -14.30
C ALA A 374 35.64 -3.19 -12.91
N GLY A 375 34.85 -2.77 -11.92
CA GLY A 375 35.12 -3.10 -10.52
C GLY A 375 34.80 -4.53 -10.12
N LEU A 376 33.88 -5.16 -10.84
CA LEU A 376 33.46 -6.52 -10.50
C LEU A 376 34.21 -7.59 -11.29
N ASP A 377 35.02 -7.16 -12.26
CA ASP A 377 35.71 -8.11 -13.14
C ASP A 377 36.57 -9.14 -12.40
N THR A 378 37.33 -8.68 -11.39
CA THR A 378 38.21 -9.57 -10.63
C THR A 378 37.47 -10.70 -9.90
N ALA A 379 36.16 -10.51 -9.69
CA ALA A 379 35.36 -11.53 -9.00
C ALA A 379 35.19 -12.81 -9.84
N ARG A 380 35.25 -12.68 -11.17
CA ARG A 380 35.06 -13.81 -12.07
C ARG A 380 36.05 -14.95 -11.80
N ALA A 381 37.24 -14.59 -11.31
CA ALA A 381 38.31 -15.55 -11.05
C ALA A 381 38.20 -16.24 -9.69
N LEU A 382 37.41 -15.66 -8.78
CA LEU A 382 37.24 -16.21 -7.44
C LEU A 382 36.59 -17.60 -7.44
N PRO A 383 37.06 -18.51 -6.54
CA PRO A 383 36.63 -19.91 -6.55
C PRO A 383 35.12 -20.13 -6.35
N ALA A 384 34.47 -19.28 -5.57
CA ALA A 384 33.06 -19.44 -5.26
C ALA A 384 32.11 -18.70 -6.19
N VAL A 385 32.65 -18.01 -7.20
CA VAL A 385 31.85 -17.18 -8.11
C VAL A 385 31.50 -17.93 -9.39
N THR A 386 30.20 -17.97 -9.71
CA THR A 386 29.73 -18.68 -10.90
C THR A 386 29.38 -17.74 -12.06
N ASP A 387 29.03 -16.49 -11.74
CA ASP A 387 28.74 -15.48 -12.77
C ASP A 387 28.91 -14.06 -12.24
N VAL A 388 29.32 -13.17 -13.13
CA VAL A 388 29.31 -11.74 -12.86
C VAL A 388 28.55 -11.06 -13.99
N ARG A 389 27.55 -10.25 -13.65
CA ARG A 389 26.72 -9.62 -14.66
C ARG A 389 26.30 -8.21 -14.25
N VAL A 390 26.22 -7.32 -15.23
CA VAL A 390 25.86 -5.93 -15.04
C VAL A 390 24.81 -5.52 -16.09
N CYS A 391 23.78 -4.80 -15.64
CA CYS A 391 22.80 -4.21 -16.55
C CYS A 391 22.42 -2.84 -16.00
N GLY A 392 22.87 -1.80 -16.69
CA GLY A 392 22.68 -0.43 -16.20
C GLY A 392 23.28 -0.29 -14.80
N ALA A 393 22.53 0.32 -13.90
CA ALA A 393 23.03 0.53 -12.53
C ALA A 393 22.66 -0.65 -11.63
N ILE A 394 22.95 -1.85 -12.12
CA ILE A 394 22.73 -3.10 -11.38
C ILE A 394 23.97 -3.97 -11.60
N GLY A 395 24.63 -4.35 -10.51
CA GLY A 395 25.80 -5.23 -10.57
C GLY A 395 25.60 -6.45 -9.71
N VAL A 396 25.92 -7.63 -10.26
CA VAL A 396 25.63 -8.89 -9.58
C VAL A 396 26.82 -9.85 -9.59
N ILE A 397 27.18 -10.35 -8.41
CA ILE A 397 28.08 -11.49 -8.30
C ILE A 397 27.23 -12.69 -7.87
N GLU A 398 27.11 -13.68 -8.76
CA GLU A 398 26.41 -14.92 -8.43
C GLU A 398 27.39 -15.96 -7.89
N CYS A 399 27.13 -16.44 -6.69
CA CYS A 399 28.01 -17.39 -6.01
C CYS A 399 27.51 -18.83 -6.12
N ASP A 400 28.37 -19.76 -5.72
CA ASP A 400 28.10 -21.19 -5.82
C ASP A 400 27.38 -21.75 -4.59
N ARG A 401 27.13 -20.87 -3.61
CA ARG A 401 26.45 -21.25 -2.38
C ARG A 401 25.66 -20.06 -1.83
N PRO A 402 24.62 -20.32 -1.01
CA PRO A 402 23.93 -19.24 -0.32
C PRO A 402 24.90 -18.42 0.53
N VAL A 403 24.76 -17.10 0.48
CA VAL A 403 25.67 -16.20 1.16
C VAL A 403 25.25 -16.02 2.62
N ASP A 404 26.17 -16.27 3.54
CA ASP A 404 25.90 -16.13 4.97
C ASP A 404 25.91 -14.65 5.36
N LEU A 405 24.75 -14.12 5.74
CA LEU A 405 24.62 -12.71 6.12
C LEU A 405 25.45 -12.35 7.35
N ALA A 406 25.64 -13.31 8.24
CA ALA A 406 26.43 -13.09 9.46
C ALA A 406 27.89 -12.77 9.13
N VAL A 407 28.36 -13.28 8.00
CA VAL A 407 29.72 -13.00 7.54
C VAL A 407 29.72 -11.79 6.59
N ALA A 408 28.81 -11.81 5.62
CA ALA A 408 28.76 -10.79 4.57
C ALA A 408 28.51 -9.37 5.07
N THR A 409 27.53 -9.18 5.95
CA THR A 409 27.15 -7.84 6.43
C THR A 409 28.31 -7.12 7.13
N PRO A 410 28.89 -7.73 8.18
CA PRO A 410 30.04 -7.12 8.85
C PRO A 410 31.23 -6.91 7.92
N ALA A 411 31.47 -7.86 7.01
CA ALA A 411 32.58 -7.75 6.06
C ALA A 411 32.43 -6.51 5.18
N ALA A 412 31.21 -6.27 4.72
CA ALA A 412 30.93 -5.08 3.92
C ALA A 412 31.01 -3.79 4.74
N LEU A 413 30.45 -3.81 5.95
CA LEU A 413 30.52 -2.66 6.85
C LEU A 413 31.96 -2.28 7.20
N ASP A 414 32.82 -3.29 7.37
CA ASP A 414 34.26 -3.06 7.60
C ASP A 414 34.92 -2.33 6.43
N ARG A 415 34.31 -2.42 5.26
CA ARG A 415 34.81 -1.81 4.02
C ARG A 415 34.03 -0.53 3.66
N GLY A 416 33.22 -0.05 4.59
CA GLY A 416 32.48 1.21 4.43
C GLY A 416 31.27 1.16 3.50
N VAL A 417 30.64 -0.01 3.40
CA VAL A 417 29.55 -0.23 2.44
C VAL A 417 28.41 -1.03 3.08
N TRP A 418 27.19 -0.57 2.88
CA TRP A 418 26.01 -1.33 3.28
C TRP A 418 25.58 -2.22 2.14
N LEU A 419 25.76 -3.53 2.31
CA LEU A 419 25.32 -4.53 1.34
C LEU A 419 24.39 -5.52 2.01
N ARG A 420 23.37 -5.95 1.27
CA ARG A 420 22.44 -6.97 1.76
C ARG A 420 22.31 -8.05 0.70
N PRO A 421 23.17 -9.08 0.78
CA PRO A 421 22.99 -10.21 -0.14
C PRO A 421 21.66 -10.92 0.10
N PHE A 422 21.18 -11.65 -0.91
CA PHE A 422 20.11 -12.61 -0.69
C PHE A 422 20.37 -13.87 -1.51
N ARG A 423 19.92 -15.01 -0.99
N ARG A 423 19.92 -15.00 -0.98
CA ARG A 423 20.21 -16.30 -1.59
CA ARG A 423 20.26 -16.32 -1.52
C ARG A 423 21.71 -16.41 -1.85
C ARG A 423 21.75 -16.40 -1.85
N ASN A 424 22.09 -16.74 -3.08
CA ASN A 424 23.50 -16.87 -3.48
C ASN A 424 24.06 -15.63 -4.21
N LEU A 425 23.43 -14.46 -3.99
CA LEU A 425 23.76 -13.26 -4.76
C LEU A 425 24.33 -12.12 -3.92
N VAL A 426 25.50 -11.63 -4.33
CA VAL A 426 26.07 -10.40 -3.76
C VAL A 426 25.86 -9.33 -4.83
N TYR A 427 25.02 -8.35 -4.54
CA TYR A 427 24.62 -7.42 -5.59
C TYR A 427 24.45 -5.99 -5.09
N ALA A 428 24.44 -5.05 -6.03
CA ALA A 428 24.21 -3.65 -5.70
C ALA A 428 23.35 -2.98 -6.75
N MET A 429 22.56 -2.02 -6.30
CA MET A 429 21.88 -1.10 -7.20
C MET A 429 22.05 0.30 -6.61
N PRO A 430 23.20 0.91 -6.91
CA PRO A 430 23.62 2.13 -6.22
C PRO A 430 22.86 3.38 -6.66
N PRO A 431 22.83 4.41 -5.79
CA PRO A 431 22.24 5.69 -6.17
C PRO A 431 22.96 6.25 -7.40
N TYR A 432 22.22 6.96 -8.24
CA TYR A 432 22.75 7.48 -9.50
C TYR A 432 23.80 8.55 -9.24
N ILE A 433 23.75 9.13 -8.04
CA ILE A 433 24.66 10.22 -7.65
C ILE A 433 26.02 9.74 -7.15
N CYS A 434 26.25 8.42 -7.12
CA CYS A 434 27.53 7.88 -6.69
C CYS A 434 28.64 8.31 -7.65
N THR A 435 29.72 8.82 -7.08
CA THR A 435 30.90 9.19 -7.86
C THR A 435 31.60 7.92 -8.34
N PRO A 436 32.46 8.03 -9.38
CA PRO A 436 33.25 6.88 -9.79
C PRO A 436 34.04 6.24 -8.65
N ALA A 437 34.61 7.05 -7.75
CA ALA A 437 35.33 6.54 -6.59
C ALA A 437 34.43 5.72 -5.66
N GLU A 438 33.21 6.21 -5.44
CA GLU A 438 32.25 5.52 -4.57
C GLU A 438 31.79 4.19 -5.17
N ILE A 439 31.62 4.15 -6.48
CA ILE A 439 31.26 2.91 -7.18
C ILE A 439 32.36 1.87 -7.02
N THR A 440 33.62 2.29 -7.17
CA THR A 440 34.73 1.34 -7.01
C THR A 440 34.84 0.88 -5.55
N GLN A 441 34.50 1.75 -4.60
CA GLN A 441 34.45 1.34 -3.20
C GLN A 441 33.38 0.28 -2.97
N ILE A 442 32.22 0.46 -3.61
CA ILE A 442 31.14 -0.53 -3.55
C ILE A 442 31.56 -1.87 -4.15
N THR A 443 32.12 -1.84 -5.37
CA THR A 443 32.52 -3.08 -6.03
C THR A 443 33.64 -3.80 -5.26
N SER A 444 34.57 -3.03 -4.69
CA SER A 444 35.65 -3.61 -3.88
CA SER A 444 35.65 -3.60 -3.88
C SER A 444 35.09 -4.40 -2.70
N ALA A 445 34.10 -3.81 -2.02
CA ALA A 445 33.44 -4.48 -0.90
C ALA A 445 32.72 -5.75 -1.36
N MET A 446 32.07 -5.67 -2.52
CA MET A 446 31.38 -6.81 -3.10
C MET A 446 32.35 -7.96 -3.41
N VAL A 447 33.48 -7.62 -4.01
CA VAL A 447 34.53 -8.60 -4.33
C VAL A 447 35.03 -9.26 -3.05
N GLU A 448 35.28 -8.44 -2.03
CA GLU A 448 35.77 -8.94 -0.74
C GLU A 448 34.76 -9.84 -0.03
N VAL A 449 33.48 -9.50 -0.15
CA VAL A 449 32.42 -10.39 0.35
C VAL A 449 32.44 -11.73 -0.38
N ALA A 450 32.52 -11.69 -1.71
CA ALA A 450 32.59 -12.90 -2.54
C ALA A 450 33.82 -13.75 -2.22
N ARG A 451 34.95 -13.08 -1.92
CA ARG A 451 36.18 -13.79 -1.55
C ARG A 451 35.99 -14.56 -0.24
N LEU A 452 35.30 -13.94 0.72
CA LEU A 452 35.02 -14.60 2.00
C LEU A 452 34.01 -15.75 1.89
N VAL A 453 33.09 -15.64 0.94
CA VAL A 453 32.14 -16.73 0.64
C VAL A 453 32.88 -18.03 0.30
N GLY A 454 33.99 -17.89 -0.43
CA GLY A 454 34.85 -19.02 -0.76
C GLY A 454 35.89 -19.37 0.31
N SER A 455 35.77 -18.73 1.48
CA SER A 455 36.68 -18.98 2.61
C SER A 455 36.02 -19.79 3.72
N LEU A 456 34.71 -19.57 3.89
CA LEU A 456 33.88 -20.20 4.92
C LEU A 456 34.39 -19.95 6.36
N LEU B 28 0.28 24.42 -13.08
CA LEU B 28 -1.04 24.28 -13.75
C LEU B 28 -2.13 25.11 -13.07
N THR B 29 -2.97 25.74 -13.89
CA THR B 29 -4.14 26.46 -13.40
C THR B 29 -5.24 25.45 -13.09
N PRO B 30 -6.26 25.84 -12.30
CA PRO B 30 -7.39 24.93 -12.06
C PRO B 30 -8.01 24.38 -13.35
N GLU B 31 -8.18 25.22 -14.36
CA GLU B 31 -8.69 24.78 -15.67
C GLU B 31 -7.79 23.74 -16.33
N GLN B 32 -6.48 23.96 -16.25
CA GLN B 32 -5.49 23.01 -16.80
C GLN B 32 -5.49 21.71 -16.01
N ILE B 33 -5.66 21.81 -14.69
CA ILE B 33 -5.76 20.63 -13.81
C ILE B 33 -6.95 19.77 -14.23
N ILE B 34 -8.11 20.41 -14.44
CA ILE B 34 -9.33 19.71 -14.86
C ILE B 34 -9.13 19.00 -16.20
N ALA B 35 -8.46 19.65 -17.14
CA ALA B 35 -8.19 19.07 -18.45
C ALA B 35 -7.29 17.82 -18.37
N VAL B 36 -6.21 17.94 -17.61
CA VAL B 36 -5.28 16.82 -17.41
C VAL B 36 -6.02 15.68 -16.69
N ASP B 37 -6.74 16.04 -15.63
CA ASP B 37 -7.48 15.06 -14.83
C ASP B 37 -8.50 14.25 -15.63
N GLY B 38 -9.31 14.95 -16.43
CA GLY B 38 -10.33 14.29 -17.24
C GLY B 38 -9.75 13.32 -18.25
N ALA B 39 -8.57 13.65 -18.78
CA ALA B 39 -7.90 12.83 -19.78
C ALA B 39 -7.11 11.67 -19.17
N HIS B 40 -6.49 11.90 -18.01
CA HIS B 40 -5.45 10.98 -17.54
C HIS B 40 -5.60 10.37 -16.17
N LEU B 41 -6.51 10.88 -15.34
CA LEU B 41 -6.56 10.43 -13.94
C LEU B 41 -7.76 9.56 -13.57
N TRP B 42 -7.47 8.36 -13.07
CA TRP B 42 -8.48 7.56 -12.38
C TRP B 42 -8.71 8.10 -11.01
N HIS B 43 -9.95 8.00 -10.54
CA HIS B 43 -10.32 8.36 -9.17
C HIS B 43 -10.90 7.13 -8.50
N PRO B 44 -11.16 7.20 -7.18
CA PRO B 44 -11.69 6.01 -6.52
C PRO B 44 -13.00 5.55 -7.16
N TYR B 45 -13.07 4.28 -7.54
CA TYR B 45 -14.30 3.68 -8.07
C TYR B 45 -14.93 4.53 -9.19
N SER B 46 -14.07 4.96 -10.12
CA SER B 46 -14.48 5.92 -11.14
C SER B 46 -14.25 5.39 -12.55
N SER B 47 -14.70 6.18 -13.52
CA SER B 47 -14.47 5.87 -14.92
C SER B 47 -13.39 6.80 -15.45
N ILE B 48 -12.98 6.55 -16.69
CA ILE B 48 -12.29 7.55 -17.49
C ILE B 48 -13.27 7.94 -18.59
N GLY B 49 -13.63 9.23 -18.62
CA GLY B 49 -14.44 9.77 -19.71
C GLY B 49 -15.94 9.72 -19.53
N ARG B 50 -16.42 9.10 -18.45
CA ARG B 50 -17.86 8.94 -18.20
C ARG B 50 -18.34 9.49 -16.86
N GLU B 51 -17.54 10.38 -16.26
CA GLU B 51 -17.90 10.97 -14.97
C GLU B 51 -19.07 11.93 -15.14
N ALA B 52 -20.10 11.75 -14.31
CA ALA B 52 -21.30 12.60 -14.34
C ALA B 52 -20.95 14.05 -13.97
N VAL B 53 -20.07 14.21 -13.00
CA VAL B 53 -19.58 15.53 -12.58
C VAL B 53 -18.07 15.49 -12.48
N SER B 54 -17.41 16.56 -12.95
CA SER B 54 -15.97 16.70 -12.77
C SER B 54 -15.61 16.73 -11.29
N PRO B 55 -14.42 16.20 -10.93
CA PRO B 55 -13.97 16.45 -9.56
C PRO B 55 -13.73 17.94 -9.35
N VAL B 56 -13.77 18.38 -8.10
CA VAL B 56 -13.52 19.77 -7.75
C VAL B 56 -12.04 19.93 -7.43
N VAL B 57 -11.43 20.98 -7.97
CA VAL B 57 -10.01 21.25 -7.71
C VAL B 57 -9.81 21.73 -6.27
N ALA B 58 -8.95 21.02 -5.54
CA ALA B 58 -8.51 21.42 -4.21
C ALA B 58 -7.15 22.09 -4.33
N VAL B 59 -7.02 23.28 -3.72
CA VAL B 59 -5.78 24.06 -3.84
C VAL B 59 -5.03 24.30 -2.52
N ALA B 60 -5.71 24.09 -1.39
CA ALA B 60 -5.09 24.19 -0.07
C ALA B 60 -5.90 23.43 0.97
N ALA B 61 -5.27 23.13 2.10
CA ALA B 61 -5.97 22.57 3.26
C ALA B 61 -5.28 23.03 4.52
N HIS B 62 -6.08 23.57 5.44
CA HIS B 62 -5.55 24.11 6.69
C HIS B 62 -6.57 23.92 7.77
N GLY B 63 -6.17 23.25 8.85
CA GLY B 63 -7.06 22.94 9.95
C GLY B 63 -8.22 22.08 9.46
N ALA B 64 -9.43 22.46 9.83
CA ALA B 64 -10.64 21.73 9.40
C ALA B 64 -11.16 22.15 8.02
N TRP B 65 -10.41 23.00 7.32
CA TRP B 65 -10.88 23.63 6.09
C TRP B 65 -10.09 23.28 4.87
N LEU B 66 -10.80 23.01 3.78
CA LEU B 66 -10.23 22.87 2.46
C LEU B 66 -10.52 24.12 1.65
N THR B 67 -9.56 24.49 0.80
CA THR B 67 -9.81 25.55 -0.17
C THR B 67 -10.05 24.90 -1.53
N LEU B 68 -11.26 25.09 -2.05
CA LEU B 68 -11.70 24.46 -3.30
C LEU B 68 -12.04 25.49 -4.37
N ILE B 69 -12.01 25.07 -5.63
CA ILE B 69 -12.34 25.98 -6.73
C ILE B 69 -13.77 25.73 -7.19
N ARG B 70 -14.61 26.76 -7.03
CA ARG B 70 -15.99 26.74 -7.47
C ARG B 70 -16.20 27.97 -8.34
N ASP B 71 -16.63 27.75 -9.59
CA ASP B 71 -16.80 28.84 -10.57
C ASP B 71 -15.52 29.63 -10.81
N GLY B 72 -14.37 28.96 -10.76
CA GLY B 72 -13.08 29.59 -10.98
C GLY B 72 -12.54 30.37 -9.79
N GLN B 73 -13.28 30.38 -8.68
CA GLN B 73 -12.88 31.13 -7.49
C GLN B 73 -12.61 30.23 -6.29
N PRO B 74 -11.56 30.54 -5.50
CA PRO B 74 -11.26 29.75 -4.31
C PRO B 74 -12.20 30.03 -3.14
N ILE B 75 -12.81 28.98 -2.61
CA ILE B 75 -13.70 29.07 -1.45
C ILE B 75 -13.23 28.12 -0.36
N GLU B 76 -13.39 28.54 0.90
CA GLU B 76 -13.02 27.69 2.03
C GLU B 76 -14.24 26.93 2.54
N VAL B 77 -14.09 25.61 2.65
CA VAL B 77 -15.18 24.74 3.11
C VAL B 77 -14.70 23.75 4.17
N LEU B 78 -15.61 23.36 5.06
CA LEU B 78 -15.27 22.40 6.11
C LEU B 78 -15.10 20.99 5.55
N ASP B 79 -14.00 20.35 5.92
CA ASP B 79 -13.72 18.96 5.57
C ASP B 79 -14.51 18.03 6.51
N ALA B 80 -15.81 17.91 6.24
CA ALA B 80 -16.70 17.13 7.10
C ALA B 80 -16.37 15.63 7.11
N MET B 81 -15.66 15.19 6.07
CA MET B 81 -15.31 13.78 5.89
C MET B 81 -13.96 13.45 6.50
N SER B 82 -13.28 14.47 7.04
CA SER B 82 -11.88 14.34 7.46
C SER B 82 -11.02 13.73 6.36
N SER B 83 -11.35 14.05 5.11
CA SER B 83 -10.61 13.52 3.97
C SER B 83 -10.52 11.99 4.06
N TRP B 84 -11.70 11.37 4.18
CA TRP B 84 -11.85 9.92 4.27
C TRP B 84 -11.25 9.33 5.53
N TRP B 85 -11.68 9.88 6.68
CA TRP B 85 -11.30 9.41 8.01
C TRP B 85 -9.91 9.76 8.47
N THR B 86 -9.14 10.45 7.64
CA THR B 86 -7.71 10.58 7.90
C THR B 86 -7.32 11.77 8.79
N ALA B 87 -7.99 12.91 8.57
CA ALA B 87 -7.53 14.20 9.08
C ALA B 87 -8.00 14.53 10.50
N ILE B 88 -7.69 13.64 11.44
CA ILE B 88 -8.23 13.74 12.81
C ILE B 88 -7.81 15.02 13.57
N HIS B 89 -6.61 15.52 13.29
CA HIS B 89 -6.10 16.74 13.93
C HIS B 89 -6.22 17.94 13.02
N GLY B 90 -6.95 17.79 11.92
CA GLY B 90 -6.99 18.83 10.89
C GLY B 90 -5.73 18.81 10.03
N HIS B 91 -5.78 19.53 8.91
CA HIS B 91 -4.65 19.60 8.00
C HIS B 91 -3.66 20.62 8.46
N GLY B 92 -2.37 20.39 8.17
CA GLY B 92 -1.33 21.36 8.50
C GLY B 92 -1.25 21.72 9.98
N HIS B 93 -1.43 20.73 10.86
CA HIS B 93 -1.24 20.95 12.29
C HIS B 93 0.22 21.23 12.54
N PRO B 94 0.52 22.35 13.22
CA PRO B 94 1.91 22.77 13.41
C PRO B 94 2.81 21.67 13.99
N ALA B 95 2.29 20.89 14.94
CA ALA B 95 3.06 19.83 15.59
C ALA B 95 3.39 18.69 14.63
N LEU B 96 2.48 18.42 13.69
CA LEU B 96 2.66 17.32 12.76
C LEU B 96 3.53 17.74 11.58
N ASP B 97 3.31 18.97 11.09
CA ASP B 97 4.21 19.58 10.10
C ASP B 97 5.65 19.58 10.64
N GLN B 98 5.82 20.00 11.90
CA GLN B 98 7.13 20.06 12.54
C GLN B 98 7.80 18.68 12.64
N ALA B 99 7.03 17.67 13.03
CA ALA B 99 7.55 16.31 13.15
C ALA B 99 8.11 15.82 11.82
N LEU B 100 7.38 16.08 10.74
CA LEU B 100 7.80 15.67 9.40
C LEU B 100 9.08 16.38 8.98
N THR B 101 9.09 17.70 9.11
CA THR B 101 10.26 18.51 8.72
C THR B 101 11.51 18.14 9.54
N THR B 102 11.32 17.84 10.82
CA THR B 102 12.41 17.43 11.70
C THR B 102 13.04 16.12 11.22
N GLN B 103 12.21 15.13 10.90
CA GLN B 103 12.71 13.83 10.43
C GLN B 103 13.37 13.98 9.06
N LEU B 104 12.82 14.85 8.23
CA LEU B 104 13.32 15.06 6.88
C LEU B 104 14.78 15.50 6.90
N ARG B 105 15.15 16.28 7.90
CA ARG B 105 16.52 16.79 8.03
C ARG B 105 17.54 15.75 8.47
N VAL B 106 17.06 14.63 9.03
CA VAL B 106 17.96 13.60 9.54
C VAL B 106 18.02 12.34 8.66
N MET B 107 16.86 11.84 8.24
CA MET B 107 16.79 10.55 7.53
C MET B 107 15.41 10.35 6.91
N ASN B 108 15.32 10.47 5.59
CA ASN B 108 14.04 10.31 4.90
C ASN B 108 13.53 8.89 4.96
N HIS B 109 14.44 7.94 4.72
CA HIS B 109 14.09 6.54 4.60
C HIS B 109 15.32 5.68 4.53
N VAL B 110 15.27 4.53 5.18
CA VAL B 110 16.22 3.44 4.92
C VAL B 110 15.43 2.15 4.80
N MET B 111 16.00 1.14 4.12
CA MET B 111 15.36 -0.18 4.02
C MET B 111 15.27 -0.86 5.39
N PHE B 112 14.14 -1.52 5.64
CA PHE B 112 13.92 -2.17 6.94
C PHE B 112 14.47 -3.60 6.95
N GLY B 113 15.01 -4.03 5.80
CA GLY B 113 15.71 -5.32 5.73
C GLY B 113 17.12 -5.19 6.27
N GLY B 114 17.30 -5.59 7.52
CA GLY B 114 18.63 -5.58 8.15
C GLY B 114 18.97 -4.33 8.93
N LEU B 115 18.08 -3.34 8.88
CA LEU B 115 18.24 -2.08 9.61
C LEU B 115 17.01 -1.78 10.45
N THR B 116 17.20 -1.03 11.52
CA THR B 116 16.08 -0.47 12.28
C THR B 116 16.37 0.99 12.60
N HIS B 117 15.41 1.69 13.19
CA HIS B 117 15.54 3.13 13.43
C HIS B 117 14.61 3.63 14.51
N GLU B 118 14.86 4.85 14.95
CA GLU B 118 14.12 5.44 16.07
C GLU B 118 12.62 5.66 15.82
N PRO B 119 12.24 6.21 14.64
CA PRO B 119 10.80 6.40 14.41
C PRO B 119 9.99 5.09 14.48
N ALA B 120 10.54 4.01 13.93
CA ALA B 120 9.88 2.70 13.98
C ALA B 120 9.76 2.19 15.42
N ALA B 121 10.83 2.32 16.19
CA ALA B 121 10.86 1.82 17.56
C ALA B 121 9.90 2.62 18.42
N ARG B 122 9.94 3.93 18.28
CA ARG B 122 9.05 4.81 19.04
C ARG B 122 7.59 4.50 18.74
N LEU B 123 7.27 4.33 17.46
CA LEU B 123 5.88 4.07 17.07
C LEU B 123 5.41 2.70 17.54
N ALA B 124 6.25 1.68 17.36
CA ALA B 124 5.93 0.32 17.79
C ALA B 124 5.64 0.30 19.28
N LYS B 125 6.51 0.94 20.06
CA LYS B 125 6.32 1.04 21.51
C LYS B 125 5.00 1.71 21.87
N LEU B 126 4.68 2.82 21.22
CA LEU B 126 3.42 3.53 21.47
C LEU B 126 2.22 2.65 21.16
N LEU B 127 2.24 2.03 19.98
CA LEU B 127 1.11 1.21 19.53
C LEU B 127 0.88 -0.01 20.42
N VAL B 128 1.95 -0.66 20.86
CA VAL B 128 1.82 -1.81 21.77
C VAL B 128 1.23 -1.38 23.12
N ASP B 129 1.61 -0.19 23.58
CA ASP B 129 1.12 0.34 24.86
C ASP B 129 -0.36 0.73 24.84
N ILE B 130 -0.85 1.25 23.72
CA ILE B 130 -2.19 1.85 23.67
C ILE B 130 -3.29 0.97 23.09
N THR B 131 -2.90 -0.10 22.39
CA THR B 131 -3.86 -1.02 21.80
C THR B 131 -4.38 -2.00 22.86
N PRO B 132 -5.49 -2.71 22.56
CA PRO B 132 -6.00 -3.70 23.52
C PRO B 132 -4.92 -4.66 24.01
N ALA B 133 -4.99 -5.01 25.29
CA ALA B 133 -3.94 -5.80 25.95
C ALA B 133 -3.57 -7.07 25.19
N GLY B 134 -2.28 -7.37 25.13
CA GLY B 134 -1.81 -8.62 24.52
C GLY B 134 -1.22 -8.49 23.12
N LEU B 135 -1.44 -7.34 22.48
CA LEU B 135 -0.93 -7.11 21.13
C LEU B 135 0.49 -6.56 21.25
N ASP B 136 1.46 -7.47 21.11
CA ASP B 136 2.86 -7.20 21.48
C ASP B 136 3.80 -6.97 20.30
N THR B 137 3.37 -7.32 19.10
CA THR B 137 4.24 -7.20 17.93
C THR B 137 3.56 -6.40 16.82
N VAL B 138 4.38 -5.69 16.04
CA VAL B 138 3.87 -4.74 15.06
C VAL B 138 4.53 -4.98 13.72
N PHE B 139 3.71 -5.19 12.68
CA PHE B 139 4.16 -5.31 11.31
C PHE B 139 3.66 -4.09 10.53
N PHE B 140 4.59 -3.22 10.15
CA PHE B 140 4.24 -2.02 9.40
C PHE B 140 4.07 -2.29 7.91
N SER B 141 3.07 -1.65 7.31
CA SER B 141 2.89 -1.69 5.86
C SER B 141 2.39 -0.33 5.34
N ASP B 142 2.02 -0.29 4.06
CA ASP B 142 1.80 0.99 3.38
C ASP B 142 0.33 1.39 3.28
N SER B 143 -0.58 0.46 3.51
CA SER B 143 -2.01 0.77 3.35
C SER B 143 -2.89 -0.20 4.13
N GLY B 144 -4.13 0.18 4.33
CA GLY B 144 -5.09 -0.65 5.04
C GLY B 144 -5.31 -2.01 4.38
N SER B 145 -5.49 -2.04 3.06
CA SER B 145 -5.71 -3.29 2.34
C SER B 145 -4.53 -4.25 2.52
N VAL B 146 -3.31 -3.72 2.45
CA VAL B 146 -2.13 -4.55 2.68
C VAL B 146 -2.10 -5.07 4.11
N SER B 147 -2.47 -4.23 5.07
CA SER B 147 -2.43 -4.65 6.48
C SER B 147 -3.44 -5.78 6.74
N VAL B 148 -4.54 -5.75 6.00
CA VAL B 148 -5.55 -6.81 6.07
C VAL B 148 -5.00 -8.11 5.45
N GLU B 149 -4.29 -7.99 4.34
CA GLU B 149 -3.66 -9.17 3.74
C GLU B 149 -2.57 -9.76 4.64
N VAL B 150 -1.82 -8.88 5.31
CA VAL B 150 -0.82 -9.32 6.31
C VAL B 150 -1.51 -10.06 7.47
N ALA B 151 -2.66 -9.52 7.93
CA ALA B 151 -3.43 -10.15 9.00
C ALA B 151 -3.88 -11.56 8.61
N ALA B 152 -4.41 -11.69 7.40
CA ALA B 152 -4.84 -12.99 6.88
C ALA B 152 -3.65 -13.94 6.78
N LYS B 153 -2.50 -13.43 6.32
CA LYS B 153 -1.30 -14.24 6.18
C LYS B 153 -0.82 -14.76 7.55
N MET B 154 -0.84 -13.87 8.54
CA MET B 154 -0.50 -14.25 9.91
C MET B 154 -1.40 -15.38 10.39
N ALA B 155 -2.70 -15.23 10.18
CA ALA B 155 -3.68 -16.24 10.58
C ALA B 155 -3.43 -17.58 9.91
N LEU B 156 -3.22 -17.57 8.60
CA LEU B 156 -2.99 -18.82 7.86
C LEU B 156 -1.66 -19.47 8.24
N GLN B 157 -0.61 -18.66 8.38
CA GLN B 157 0.70 -19.19 8.75
C GLN B 157 0.70 -19.72 10.19
N TYR B 158 -0.12 -19.10 11.04
CA TYR B 158 -0.30 -19.53 12.42
C TYR B 158 -0.78 -20.98 12.46
N TRP B 159 -1.86 -21.27 11.74
CA TRP B 159 -2.44 -22.62 11.78
C TRP B 159 -1.57 -23.63 11.10
N ARG B 160 -0.82 -23.20 10.10
CA ARG B 160 0.18 -24.06 9.47
C ARG B 160 1.27 -24.42 10.48
N GLY B 161 1.62 -23.45 11.33
CA GLY B 161 2.58 -23.67 12.42
C GLY B 161 2.06 -24.57 13.53
N ARG B 162 0.74 -24.74 13.57
CA ARG B 162 0.08 -25.64 14.54
C ARG B 162 -0.20 -27.02 13.94
N GLY B 163 0.23 -27.23 12.69
CA GLY B 163 -0.02 -28.48 11.97
C GLY B 163 -1.45 -28.65 11.49
N LEU B 164 -2.13 -27.52 11.27
CA LEU B 164 -3.53 -27.54 10.84
C LEU B 164 -3.77 -26.68 9.58
N PRO B 165 -3.19 -27.09 8.43
CA PRO B 165 -3.29 -26.30 7.20
C PRO B 165 -4.67 -26.27 6.56
N GLY B 166 -5.60 -27.08 7.06
CA GLY B 166 -7.00 -27.05 6.62
C GLY B 166 -7.71 -25.78 7.07
N LYS B 167 -7.22 -25.17 8.15
CA LYS B 167 -7.79 -23.94 8.68
C LYS B 167 -7.28 -22.76 7.85
N ARG B 168 -7.99 -22.49 6.76
CA ARG B 168 -7.52 -21.54 5.73
C ARG B 168 -8.60 -20.58 5.22
N ARG B 169 -9.84 -20.79 5.66
CA ARG B 169 -10.95 -19.91 5.27
C ARG B 169 -11.14 -18.79 6.30
N LEU B 170 -11.83 -17.74 5.88
CA LEU B 170 -12.18 -16.64 6.78
C LEU B 170 -13.69 -16.58 6.95
N MET B 171 -14.14 -16.15 8.12
CA MET B 171 -15.54 -15.89 8.36
C MET B 171 -15.75 -14.44 8.78
N THR B 172 -16.84 -13.86 8.33
CA THR B 172 -17.22 -12.51 8.75
C THR B 172 -18.74 -12.39 8.74
N TRP B 173 -19.24 -11.23 9.16
CA TRP B 173 -20.66 -10.90 8.98
C TRP B 173 -20.82 -9.96 7.83
N ARG B 174 -22.04 -9.91 7.29
CA ARG B 174 -22.31 -9.02 6.17
C ARG B 174 -22.24 -7.54 6.56
N GLY B 175 -22.16 -6.69 5.54
CA GLY B 175 -22.10 -5.23 5.72
C GLY B 175 -20.69 -4.67 5.89
N GLY B 176 -19.69 -5.54 5.74
CA GLY B 176 -18.31 -5.16 6.03
C GLY B 176 -17.53 -4.60 4.85
N TYR B 177 -16.44 -3.91 5.18
CA TYR B 177 -15.49 -3.45 4.16
C TYR B 177 -14.08 -3.63 4.72
N HIS B 178 -13.18 -4.20 3.91
CA HIS B 178 -11.83 -4.50 4.37
C HIS B 178 -10.74 -4.13 3.40
N GLY B 179 -11.11 -3.39 2.34
CA GLY B 179 -10.13 -2.99 1.33
C GLY B 179 -10.35 -3.60 -0.04
N ASP B 180 -9.48 -3.24 -0.97
CA ASP B 180 -9.73 -3.46 -2.40
C ASP B 180 -8.81 -4.50 -3.07
N THR B 181 -7.77 -4.94 -2.38
CA THR B 181 -6.94 -6.03 -2.89
C THR B 181 -7.80 -7.30 -2.88
N PHE B 182 -7.38 -8.31 -3.64
CA PHE B 182 -8.29 -9.44 -3.93
C PHE B 182 -8.66 -10.31 -2.72
N LEU B 183 -7.76 -10.50 -1.76
CA LEU B 183 -8.10 -11.20 -0.53
CA LEU B 183 -8.13 -11.22 -0.56
C LEU B 183 -9.05 -10.34 0.31
N ALA B 184 -8.73 -9.06 0.43
CA ALA B 184 -9.57 -8.13 1.18
C ALA B 184 -10.99 -8.11 0.60
N MET B 185 -11.10 -8.13 -0.73
CA MET B 185 -12.40 -8.15 -1.40
C MET B 185 -13.25 -9.35 -0.96
N SER B 186 -12.59 -10.47 -0.68
CA SER B 186 -13.29 -11.73 -0.40
C SER B 186 -14.08 -11.71 0.91
N ILE B 187 -13.77 -10.76 1.78
CA ILE B 187 -14.50 -10.60 3.05
C ILE B 187 -15.34 -9.32 3.12
N CYS B 188 -15.33 -8.53 2.04
CA CYS B 188 -16.22 -7.39 1.91
C CYS B 188 -17.64 -7.91 1.67
N ASP B 189 -18.64 -7.10 2.03
CA ASP B 189 -20.04 -7.48 1.84
C ASP B 189 -20.25 -7.97 0.40
N PRO B 190 -20.87 -9.15 0.24
CA PRO B 190 -21.07 -9.72 -1.10
C PRO B 190 -21.95 -8.88 -2.04
N HIS B 191 -22.95 -8.17 -1.49
CA HIS B 191 -23.76 -7.25 -2.29
C HIS B 191 -23.00 -5.98 -2.50
N GLY B 192 -22.60 -5.36 -1.39
CA GLY B 192 -21.80 -4.14 -1.39
C GLY B 192 -20.58 -4.22 -2.29
N GLY B 193 -19.80 -5.29 -2.12
CA GLY B 193 -18.59 -5.54 -2.91
C GLY B 193 -18.83 -6.25 -4.24
N MET B 194 -20.10 -6.46 -4.56
CA MET B 194 -20.56 -7.08 -5.82
C MET B 194 -19.82 -8.36 -6.21
N HIS B 195 -20.14 -9.45 -5.51
CA HIS B 195 -19.67 -10.78 -5.90
C HIS B 195 -20.14 -11.13 -7.29
N SER B 196 -21.15 -10.39 -7.75
CA SER B 196 -21.79 -10.58 -9.05
C SER B 196 -20.79 -10.58 -10.21
N LEU B 197 -20.07 -9.47 -10.35
CA LEU B 197 -19.08 -9.33 -11.42
C LEU B 197 -17.72 -9.93 -11.04
N TRP B 198 -17.65 -10.49 -9.84
CA TRP B 198 -16.44 -11.14 -9.34
C TRP B 198 -16.63 -12.59 -8.97
N THR B 199 -17.66 -13.23 -9.52
CA THR B 199 -17.87 -14.67 -9.30
C THR B 199 -16.84 -15.50 -10.06
N ASP B 200 -16.30 -16.51 -9.37
CA ASP B 200 -15.25 -17.41 -9.88
C ASP B 200 -13.82 -16.89 -9.69
N VAL B 201 -13.67 -15.61 -9.36
CA VAL B 201 -12.33 -15.05 -9.13
C VAL B 201 -11.97 -14.92 -7.65
N LEU B 202 -12.95 -14.60 -6.82
CA LEU B 202 -12.75 -14.38 -5.39
C LEU B 202 -12.81 -15.67 -4.61
N ALA B 203 -11.97 -15.77 -3.58
CA ALA B 203 -12.07 -16.86 -2.60
C ALA B 203 -13.45 -16.80 -1.96
N ALA B 204 -14.09 -17.97 -1.82
CA ALA B 204 -15.42 -18.05 -1.21
C ALA B 204 -15.29 -18.18 0.31
N GLN B 205 -15.66 -17.12 1.02
CA GLN B 205 -15.51 -17.09 2.47
C GLN B 205 -16.87 -17.35 3.12
N VAL B 206 -16.87 -17.42 4.44
CA VAL B 206 -18.08 -17.72 5.19
C VAL B 206 -18.70 -16.43 5.70
N PHE B 207 -19.97 -16.19 5.34
CA PHE B 207 -20.66 -14.97 5.76
C PHE B 207 -21.85 -15.25 6.66
N ALA B 208 -21.79 -14.69 7.87
CA ALA B 208 -22.96 -14.62 8.74
C ALA B 208 -23.86 -13.46 8.30
N PRO B 209 -25.14 -13.45 8.75
CA PRO B 209 -26.02 -12.34 8.37
C PRO B 209 -25.57 -11.00 8.95
N GLN B 210 -26.13 -9.91 8.43
CA GLN B 210 -25.86 -8.58 8.93
C GLN B 210 -26.04 -8.54 10.45
N VAL B 211 -25.01 -8.08 11.16
CA VAL B 211 -25.11 -7.89 12.61
C VAL B 211 -26.07 -6.74 12.90
N PRO B 212 -27.04 -6.94 13.81
CA PRO B 212 -28.03 -5.89 14.10
C PRO B 212 -27.46 -4.78 14.98
N ARG B 213 -28.17 -3.64 15.04
CA ARG B 213 -27.79 -2.53 15.90
C ARG B 213 -27.93 -2.88 17.38
N ASP B 214 -29.12 -3.32 17.77
CA ASP B 214 -29.41 -3.64 19.15
C ASP B 214 -28.97 -5.06 19.49
N TYR B 215 -28.56 -5.27 20.74
CA TYR B 215 -28.02 -6.57 21.14
C TYR B 215 -29.10 -7.64 21.27
N ASP B 216 -28.91 -8.73 20.54
CA ASP B 216 -29.81 -9.87 20.57
C ASP B 216 -28.94 -11.13 20.68
N PRO B 217 -28.99 -11.80 21.86
CA PRO B 217 -28.17 -13.00 22.10
C PRO B 217 -28.39 -14.09 21.06
N ALA B 218 -29.56 -14.09 20.42
CA ALA B 218 -29.89 -15.08 19.40
C ALA B 218 -29.04 -14.94 18.15
N TYR B 219 -28.66 -13.71 17.80
CA TYR B 219 -27.75 -13.50 16.67
C TYR B 219 -26.40 -14.18 16.94
N SER B 220 -25.87 -13.97 18.14
CA SER B 220 -24.59 -14.57 18.54
C SER B 220 -24.65 -16.08 18.56
N ALA B 221 -25.75 -16.64 19.08
CA ALA B 221 -25.94 -18.09 19.10
C ALA B 221 -25.95 -18.67 17.69
N ALA B 222 -26.61 -17.97 16.76
CA ALA B 222 -26.66 -18.38 15.35
C ALA B 222 -25.28 -18.26 14.71
N PHE B 223 -24.56 -17.18 15.03
CA PHE B 223 -23.20 -16.99 14.54
C PHE B 223 -22.32 -18.16 14.97
N GLU B 224 -22.41 -18.51 16.25
CA GLU B 224 -21.68 -19.64 16.82
C GLU B 224 -22.01 -20.96 16.13
N ALA B 225 -23.29 -21.24 15.93
CA ALA B 225 -23.73 -22.47 15.27
C ALA B 225 -23.17 -22.58 13.86
N GLN B 226 -23.19 -21.48 13.12
CA GLN B 226 -22.63 -21.44 11.77
C GLN B 226 -21.11 -21.63 11.80
N LEU B 227 -20.45 -20.92 12.71
CA LEU B 227 -19.00 -21.05 12.87
C LEU B 227 -18.62 -22.49 13.24
N ALA B 228 -19.38 -23.09 14.16
CA ALA B 228 -19.10 -24.47 14.60
C ALA B 228 -19.00 -25.46 13.45
N GLN B 229 -19.89 -25.30 12.47
CA GLN B 229 -19.92 -26.17 11.28
C GLN B 229 -18.66 -26.07 10.43
N HIS B 230 -17.98 -24.92 10.52
CA HIS B 230 -16.82 -24.61 9.68
C HIS B 230 -15.53 -24.53 10.44
N ALA B 231 -15.57 -24.77 11.75
CA ALA B 231 -14.41 -24.49 12.61
C ALA B 231 -13.11 -25.14 12.13
N GLY B 232 -13.22 -26.37 11.61
CA GLY B 232 -12.04 -27.12 11.16
C GLY B 232 -11.43 -26.61 9.87
N GLU B 233 -12.13 -25.71 9.17
CA GLU B 233 -11.58 -25.08 7.96
C GLU B 233 -11.41 -23.56 8.07
N LEU B 234 -11.65 -23.03 9.27
CA LEU B 234 -11.55 -21.58 9.50
C LEU B 234 -10.27 -21.18 10.21
N ALA B 235 -9.54 -20.26 9.58
CA ALA B 235 -8.37 -19.67 10.23
C ALA B 235 -8.77 -18.54 11.18
N ALA B 236 -9.75 -17.74 10.77
CA ALA B 236 -10.07 -16.51 11.51
C ALA B 236 -11.46 -15.99 11.21
N VAL B 237 -12.02 -15.31 12.22
CA VAL B 237 -13.12 -14.37 12.05
C VAL B 237 -12.51 -12.98 11.90
N VAL B 238 -12.93 -12.24 10.87
CA VAL B 238 -12.48 -10.87 10.66
C VAL B 238 -13.69 -9.94 10.65
N VAL B 239 -13.70 -8.94 11.53
CA VAL B 239 -14.78 -7.94 11.57
C VAL B 239 -14.27 -6.53 11.83
N GLU B 240 -15.06 -5.55 11.43
CA GLU B 240 -14.92 -4.18 11.91
C GLU B 240 -15.67 -4.06 13.24
N PRO B 241 -14.97 -3.66 14.31
CA PRO B 241 -15.63 -3.57 15.62
C PRO B 241 -16.45 -2.28 15.84
N VAL B 242 -17.69 -2.47 16.30
CA VAL B 242 -18.65 -1.39 16.66
C VAL B 242 -19.23 -0.63 15.46
N VAL B 243 -18.36 -0.16 14.57
CA VAL B 243 -18.78 0.62 13.40
C VAL B 243 -18.31 -0.05 12.10
N GLN B 244 -19.26 -0.37 11.23
CA GLN B 244 -18.96 -0.78 9.86
C GLN B 244 -18.98 0.46 8.99
N GLY B 245 -17.84 0.80 8.41
CA GLY B 245 -17.67 2.09 7.72
C GLY B 245 -18.14 2.14 6.28
N ALA B 246 -17.24 1.84 5.35
CA ALA B 246 -17.54 2.00 3.93
C ALA B 246 -18.69 1.12 3.42
N GLY B 247 -19.00 0.06 4.15
CA GLY B 247 -20.08 -0.87 3.77
C GLY B 247 -21.48 -0.42 4.15
N GLY B 248 -21.60 0.72 4.83
CA GLY B 248 -22.92 1.25 5.14
C GLY B 248 -23.07 2.08 6.41
N MET B 249 -21.96 2.45 7.05
CA MET B 249 -21.99 3.32 8.22
C MET B 249 -23.00 2.83 9.27
N ARG B 250 -22.93 1.52 9.54
CA ARG B 250 -23.82 0.87 10.51
C ARG B 250 -23.13 0.70 11.85
N PHE B 251 -23.88 0.86 12.93
CA PHE B 251 -23.36 0.64 14.28
C PHE B 251 -23.97 -0.63 14.89
N HIS B 252 -23.18 -1.33 15.69
CA HIS B 252 -23.69 -2.48 16.43
C HIS B 252 -23.23 -2.46 17.85
N ASP B 253 -24.01 -3.10 18.72
CA ASP B 253 -23.75 -3.14 20.15
C ASP B 253 -22.40 -3.81 20.42
N PRO B 254 -21.53 -3.18 21.24
CA PRO B 254 -20.21 -3.73 21.56
C PRO B 254 -20.24 -5.15 22.13
N ARG B 255 -21.34 -5.51 22.80
CA ARG B 255 -21.47 -6.84 23.37
C ARG B 255 -21.31 -7.97 22.34
N TYR B 256 -21.64 -7.70 21.08
CA TYR B 256 -21.42 -8.67 20.01
C TYR B 256 -19.96 -9.08 19.86
N LEU B 257 -19.06 -8.13 20.12
CA LEU B 257 -17.62 -8.40 20.05
C LEU B 257 -17.16 -9.26 21.21
N HIS B 258 -17.79 -9.07 22.37
CA HIS B 258 -17.57 -9.91 23.53
C HIS B 258 -17.93 -11.35 23.19
N ASP B 259 -19.06 -11.53 22.51
CA ASP B 259 -19.49 -12.85 22.06
C ASP B 259 -18.55 -13.48 21.04
N LEU B 260 -18.07 -12.67 20.10
CA LEU B 260 -17.11 -13.18 19.11
C LEU B 260 -15.82 -13.67 19.75
N ARG B 261 -15.31 -12.91 20.72
CA ARG B 261 -14.10 -13.31 21.45
C ARG B 261 -14.31 -14.66 22.13
N ASP B 262 -15.46 -14.81 22.78
CA ASP B 262 -15.81 -16.05 23.45
C ASP B 262 -15.92 -17.23 22.47
N ILE B 263 -16.67 -17.04 21.39
CA ILE B 263 -16.87 -18.07 20.36
C ILE B 263 -15.53 -18.49 19.76
N CYS B 264 -14.70 -17.50 19.42
CA CYS B 264 -13.39 -17.80 18.83
C CYS B 264 -12.49 -18.57 19.77
N ARG B 265 -12.47 -18.18 21.05
CA ARG B 265 -11.72 -18.88 22.10
C ARG B 265 -12.14 -20.36 22.17
N ARG B 266 -13.45 -20.60 22.26
CA ARG B 266 -13.95 -21.96 22.47
C ARG B 266 -13.81 -22.88 21.27
N TYR B 267 -13.89 -22.32 20.06
CA TYR B 267 -13.80 -23.13 18.83
C TYR B 267 -12.44 -23.10 18.15
N GLU B 268 -11.47 -22.48 18.81
CA GLU B 268 -10.09 -22.37 18.32
C GLU B 268 -10.01 -21.75 16.92
N VAL B 269 -10.53 -20.53 16.81
CA VAL B 269 -10.48 -19.75 15.58
C VAL B 269 -9.94 -18.39 16.00
N LEU B 270 -8.96 -17.85 15.26
CA LEU B 270 -8.42 -16.55 15.60
C LEU B 270 -9.43 -15.41 15.39
N LEU B 271 -9.33 -14.36 16.20
CA LEU B 271 -10.16 -13.17 16.03
C LEU B 271 -9.32 -12.00 15.53
N ILE B 272 -9.72 -11.45 14.40
CA ILE B 272 -9.06 -10.27 13.81
C ILE B 272 -10.02 -9.09 13.82
N PHE B 273 -9.60 -7.99 14.46
CA PHE B 273 -10.35 -6.74 14.40
C PHE B 273 -9.70 -5.79 13.41
N ASP B 274 -10.51 -5.35 12.44
CA ASP B 274 -10.08 -4.36 11.47
C ASP B 274 -10.48 -2.98 11.98
N GLU B 275 -9.52 -2.28 12.58
CA GLU B 275 -9.75 -0.94 13.14
C GLU B 275 -9.15 0.16 12.27
N ILE B 276 -9.08 -0.10 10.96
CA ILE B 276 -8.50 0.86 10.04
C ILE B 276 -9.32 2.17 9.98
N ALA B 277 -10.64 2.07 10.16
CA ALA B 277 -11.50 3.25 10.21
C ALA B 277 -11.84 3.69 11.64
N THR B 278 -11.91 2.74 12.55
CA THR B 278 -12.39 3.01 13.91
C THR B 278 -11.32 3.48 14.89
N GLY B 279 -10.05 3.27 14.56
CA GLY B 279 -8.96 3.52 15.50
C GLY B 279 -8.74 4.97 15.90
N PHE B 280 -8.00 5.16 16.99
CA PHE B 280 -7.51 6.48 17.40
C PHE B 280 -8.63 7.47 17.78
N GLY B 281 -9.56 6.98 18.60
CA GLY B 281 -10.57 7.82 19.24
C GLY B 281 -11.88 8.05 18.50
N ARG B 282 -11.95 7.65 17.23
CA ARG B 282 -13.07 8.01 16.36
C ARG B 282 -14.46 7.62 16.88
N THR B 283 -14.56 6.44 17.51
CA THR B 283 -15.87 5.95 17.99
C THR B 283 -16.17 6.31 19.45
N GLY B 284 -15.29 7.09 20.07
CA GLY B 284 -15.49 7.51 21.46
C GLY B 284 -14.62 6.76 22.45
N ALA B 285 -13.98 5.70 21.98
CA ALA B 285 -12.97 4.98 22.75
C ALA B 285 -11.67 5.04 21.94
N LEU B 286 -10.53 4.81 22.59
CA LEU B 286 -9.25 4.90 21.89
C LEU B 286 -9.23 3.94 20.71
N PHE B 287 -9.69 2.71 20.96
CA PHE B 287 -9.98 1.76 19.89
C PHE B 287 -11.35 1.20 20.16
N ALA B 288 -12.09 0.90 19.10
CA ALA B 288 -13.48 0.47 19.24
C ALA B 288 -13.62 -0.80 20.06
N ALA B 289 -12.61 -1.67 20.02
CA ALA B 289 -12.57 -2.87 20.85
C ALA B 289 -12.71 -2.55 22.33
N ASP B 290 -12.23 -1.38 22.74
CA ASP B 290 -12.27 -0.97 24.15
C ASP B 290 -13.70 -0.80 24.66
N HIS B 291 -14.65 -0.52 23.77
CA HIS B 291 -16.07 -0.45 24.13
C HIS B 291 -16.55 -1.76 24.69
N ALA B 292 -15.97 -2.85 24.18
CA ALA B 292 -16.37 -4.21 24.55
C ALA B 292 -15.46 -4.83 25.62
N GLY B 293 -14.31 -4.20 25.86
CA GLY B 293 -13.32 -4.69 26.81
C GLY B 293 -12.72 -6.03 26.39
N VAL B 294 -12.47 -6.16 25.09
CA VAL B 294 -12.00 -7.40 24.51
C VAL B 294 -10.77 -7.15 23.64
N SER B 295 -9.88 -8.14 23.59
CA SER B 295 -8.70 -8.07 22.73
C SER B 295 -8.78 -9.11 21.62
N PRO B 296 -8.51 -8.69 20.37
CA PRO B 296 -8.40 -9.64 19.27
C PRO B 296 -7.03 -10.32 19.28
N ASP B 297 -6.87 -11.36 18.48
CA ASP B 297 -5.58 -12.02 18.34
C ASP B 297 -4.69 -11.20 17.41
N ILE B 298 -5.33 -10.55 16.44
CA ILE B 298 -4.67 -9.75 15.42
C ILE B 298 -5.49 -8.48 15.19
N MET B 299 -4.82 -7.36 14.95
CA MET B 299 -5.50 -6.08 14.79
C MET B 299 -4.88 -5.26 13.65
N CYS B 300 -5.73 -4.59 12.88
CA CYS B 300 -5.28 -3.71 11.81
C CYS B 300 -5.61 -2.25 12.09
N VAL B 301 -4.66 -1.36 11.81
CA VAL B 301 -4.88 0.09 11.92
C VAL B 301 -4.35 0.80 10.67
N GLY B 302 -4.86 1.99 10.37
CA GLY B 302 -4.43 2.67 9.15
C GLY B 302 -4.81 4.12 8.90
N LYS B 303 -6.08 4.37 8.63
CA LYS B 303 -6.50 5.66 8.06
C LYS B 303 -6.03 6.91 8.81
N ALA B 304 -6.18 6.92 10.12
CA ALA B 304 -5.83 8.10 10.93
C ALA B 304 -4.46 7.98 11.60
N LEU B 305 -3.74 6.90 11.31
CA LEU B 305 -2.45 6.60 11.94
C LEU B 305 -1.43 7.75 11.85
N THR B 306 -1.34 8.35 10.67
CA THR B 306 -0.39 9.46 10.47
C THR B 306 -1.07 10.83 10.60
N GLY B 307 -2.28 10.85 11.13
CA GLY B 307 -3.07 12.08 11.19
C GLY B 307 -3.43 12.63 9.81
N GLY B 308 -3.42 11.75 8.81
CA GLY B 308 -3.86 12.12 7.46
C GLY B 308 -2.79 12.75 6.60
N TYR B 309 -1.54 12.57 6.99
CA TYR B 309 -0.43 13.13 6.21
C TYR B 309 0.05 12.20 5.11
N LEU B 310 0.23 10.92 5.48
CA LEU B 310 0.90 9.97 4.63
C LEU B 310 0.32 8.58 4.79
N SER B 311 0.41 7.78 3.74
CA SER B 311 -0.03 6.39 3.79
CA SER B 311 -0.05 6.41 3.81
C SER B 311 0.85 5.60 4.74
N LEU B 312 0.23 4.90 5.68
CA LEU B 312 0.90 4.00 6.59
C LEU B 312 -0.19 3.16 7.22
N ALA B 313 0.15 1.91 7.54
CA ALA B 313 -0.76 1.00 8.24
C ALA B 313 0.05 0.07 9.11
N ALA B 314 -0.63 -0.61 10.03
CA ALA B 314 0.05 -1.58 10.90
C ALA B 314 -0.84 -2.77 11.20
N THR B 315 -0.21 -3.92 11.37
CA THR B 315 -0.92 -5.13 11.76
C THR B 315 -0.23 -5.61 13.03
N LEU B 316 -1.00 -5.69 14.11
CA LEU B 316 -0.46 -6.14 15.39
C LEU B 316 -0.95 -7.54 15.67
N CYS B 317 -0.15 -8.32 16.39
CA CYS B 317 -0.58 -9.63 16.83
C CYS B 317 0.01 -9.97 18.17
N THR B 318 -0.57 -10.97 18.82
CA THR B 318 -0.13 -11.41 20.13
C THR B 318 1.21 -12.13 20.05
N ALA B 319 1.86 -12.24 21.20
CA ALA B 319 3.10 -13.02 21.33
C ALA B 319 2.89 -14.45 20.86
N ASP B 320 1.74 -15.05 21.23
CA ASP B 320 1.41 -16.41 20.80
C ASP B 320 1.40 -16.55 19.27
N VAL B 321 0.73 -15.62 18.60
CA VAL B 321 0.65 -15.66 17.15
C VAL B 321 2.06 -15.53 16.55
N ALA B 322 2.82 -14.54 17.02
CA ALA B 322 4.17 -14.28 16.51
C ALA B 322 5.11 -15.47 16.69
N HIS B 323 5.09 -16.07 17.89
CA HIS B 323 5.97 -17.20 18.19
C HIS B 323 5.59 -18.44 17.41
N THR B 324 4.29 -18.67 17.23
CA THR B 324 3.82 -19.83 16.49
C THR B 324 4.21 -19.76 15.01
N ILE B 325 4.04 -18.59 14.40
CA ILE B 325 4.52 -18.35 13.03
C ILE B 325 6.03 -18.59 12.94
N SER B 326 6.79 -18.04 13.89
CA SER B 326 8.25 -18.07 13.86
C SER B 326 8.83 -19.47 14.12
N ALA B 327 8.07 -20.30 14.84
CA ALA B 327 8.52 -21.66 15.18
C ALA B 327 8.10 -22.71 14.14
N GLY B 328 7.22 -22.32 13.23
CA GLY B 328 6.73 -23.22 12.19
C GLY B 328 7.80 -23.55 11.16
N ALA B 329 7.51 -24.55 10.33
CA ALA B 329 8.43 -24.99 9.26
C ALA B 329 8.95 -23.83 8.40
N ALA B 330 8.07 -22.86 8.14
CA ALA B 330 8.41 -21.66 7.37
C ALA B 330 9.49 -20.80 8.06
N GLY B 331 9.34 -20.60 9.37
CA GLY B 331 10.33 -19.87 10.17
C GLY B 331 10.28 -18.36 10.10
N ALA B 332 9.42 -17.84 9.22
CA ALA B 332 9.30 -16.40 9.03
C ALA B 332 7.94 -16.05 8.43
N LEU B 333 7.47 -14.84 8.72
CA LEU B 333 6.28 -14.31 8.07
C LEU B 333 6.71 -13.80 6.70
N MET B 334 6.14 -14.38 5.65
CA MET B 334 6.64 -14.16 4.30
C MET B 334 6.03 -12.90 3.66
N HIS B 335 6.43 -11.74 4.18
CA HIS B 335 5.91 -10.46 3.72
C HIS B 335 6.93 -9.39 4.02
N GLY B 336 7.04 -8.39 3.16
CA GLY B 336 8.01 -7.31 3.38
C GLY B 336 7.86 -6.19 2.36
N PRO B 337 7.00 -5.20 2.66
CA PRO B 337 6.82 -4.06 1.76
C PRO B 337 8.09 -3.24 1.60
N THR B 338 8.34 -2.76 0.39
CA THR B 338 9.50 -1.93 0.11
C THR B 338 9.67 -0.79 1.10
N PHE B 339 8.60 -0.06 1.37
CA PHE B 339 8.66 1.10 2.27
C PHE B 339 8.29 0.78 3.71
N MET B 340 8.37 -0.50 4.07
CA MET B 340 8.09 -0.94 5.45
C MET B 340 8.74 -0.03 6.49
N ALA B 341 7.90 0.46 7.40
CA ALA B 341 8.33 1.29 8.55
C ALA B 341 9.06 2.58 8.12
N ASN B 342 8.60 3.18 7.02
CA ASN B 342 9.16 4.44 6.51
C ASN B 342 9.37 5.47 7.63
N PRO B 343 10.61 5.96 7.82
CA PRO B 343 10.90 6.95 8.87
C PRO B 343 10.02 8.20 8.84
N LEU B 344 9.75 8.75 7.66
CA LEU B 344 8.93 9.96 7.58
C LEU B 344 7.49 9.70 8.07
N ALA B 345 6.87 8.65 7.54
CA ALA B 345 5.51 8.30 7.95
C ALA B 345 5.46 7.92 9.43
N CYS B 346 6.44 7.16 9.89
CA CYS B 346 6.50 6.76 11.30
C CYS B 346 6.66 7.97 12.23
N ALA B 347 7.51 8.92 11.84
CA ALA B 347 7.75 10.11 12.66
C ALA B 347 6.50 10.97 12.83
N VAL B 348 5.74 11.17 11.75
CA VAL B 348 4.53 11.98 11.83
CA VAL B 348 4.50 11.96 11.81
C VAL B 348 3.45 11.24 12.62
N SER B 349 3.42 9.91 12.48
CA SER B 349 2.50 9.07 13.24
CA SER B 349 2.49 9.08 13.24
C SER B 349 2.76 9.18 14.74
N VAL B 350 4.03 9.11 15.14
CA VAL B 350 4.40 9.25 16.55
C VAL B 350 3.86 10.58 17.07
N ALA B 351 4.08 11.65 16.31
CA ALA B 351 3.60 12.98 16.68
C ALA B 351 2.07 13.04 16.77
N SER B 352 1.39 12.42 15.80
CA SER B 352 -0.08 12.38 15.78
C SER B 352 -0.67 11.63 16.99
N VAL B 353 -0.10 10.47 17.30
CA VAL B 353 -0.54 9.67 18.45
C VAL B 353 -0.25 10.41 19.76
N GLU B 354 0.94 10.98 19.87
CA GLU B 354 1.29 11.72 21.10
C GLU B 354 0.39 12.93 21.30
N LEU B 355 0.07 13.60 20.20
CA LEU B 355 -0.84 14.75 20.24
C LEU B 355 -2.25 14.33 20.70
N LEU B 356 -2.70 13.17 20.26
CA LEU B 356 -3.99 12.63 20.70
C LEU B 356 -3.97 12.27 22.19
N LEU B 357 -2.92 11.58 22.62
CA LEU B 357 -2.82 11.12 24.01
C LEU B 357 -2.54 12.26 25.00
N GLY B 358 -1.95 13.34 24.51
CA GLY B 358 -1.53 14.46 25.38
C GLY B 358 -2.62 15.47 25.67
N GLN B 359 -3.82 15.22 25.15
CA GLN B 359 -4.99 16.05 25.42
C GLN B 359 -6.09 15.19 26.03
N ASP B 360 -7.16 15.83 26.51
CA ASP B 360 -8.33 15.09 26.96
C ASP B 360 -9.19 14.74 25.75
N TRP B 361 -8.75 13.73 24.99
CA TRP B 361 -9.43 13.35 23.75
C TRP B 361 -10.82 12.82 23.99
N ARG B 362 -11.04 12.18 25.13
CA ARG B 362 -12.33 11.56 25.44
C ARG B 362 -13.43 12.60 25.59
N THR B 363 -13.13 13.68 26.29
CA THR B 363 -14.07 14.80 26.41
C THR B 363 -14.29 15.46 25.05
N ARG B 364 -13.22 15.61 24.28
CA ARG B 364 -13.33 16.20 22.94
C ARG B 364 -14.32 15.44 22.05
N ILE B 365 -14.18 14.12 22.01
CA ILE B 365 -15.06 13.28 21.18
C ILE B 365 -16.50 13.29 21.72
N THR B 366 -16.64 13.29 23.04
CA THR B 366 -17.96 13.38 23.68
C THR B 366 -18.67 14.67 23.27
N GLU B 367 -17.95 15.79 23.28
CA GLU B 367 -18.51 17.08 22.86
C GLU B 367 -18.91 17.07 21.39
N LEU B 368 -18.08 16.47 20.54
CA LEU B 368 -18.38 16.34 19.11
C LEU B 368 -19.61 15.48 18.85
N ALA B 369 -19.72 14.37 19.58
CA ALA B 369 -20.88 13.49 19.50
C ALA B 369 -22.16 14.24 19.88
N ALA B 370 -22.09 14.98 20.99
CA ALA B 370 -23.21 15.80 21.46
C ALA B 370 -23.59 16.86 20.43
N GLY B 371 -22.58 17.49 19.84
CA GLY B 371 -22.80 18.47 18.77
C GLY B 371 -23.45 17.85 17.55
N LEU B 372 -23.02 16.64 17.19
CA LEU B 372 -23.58 15.95 16.04
C LEU B 372 -25.03 15.55 16.29
N THR B 373 -25.28 15.01 17.48
CA THR B 373 -26.62 14.61 17.89
C THR B 373 -27.58 15.80 17.84
N ALA B 374 -27.17 16.91 18.47
CA ALA B 374 -28.01 18.11 18.54
C ALA B 374 -28.33 18.67 17.15
N GLY B 375 -27.31 18.77 16.30
CA GLY B 375 -27.47 19.31 14.97
C GLY B 375 -28.27 18.46 13.99
N LEU B 376 -28.21 17.13 14.15
CA LEU B 376 -28.88 16.23 13.23
C LEU B 376 -30.28 15.81 13.69
N ASP B 377 -30.65 16.18 14.92
CA ASP B 377 -31.92 15.76 15.51
C ASP B 377 -33.15 16.13 14.67
N THR B 378 -33.11 17.31 14.05
CA THR B 378 -34.21 17.81 13.23
CA THR B 378 -34.21 17.81 13.23
C THR B 378 -34.44 16.97 11.97
N ALA B 379 -33.42 16.23 11.55
CA ALA B 379 -33.52 15.40 10.35
C ALA B 379 -34.49 14.23 10.47
N ARG B 380 -34.70 13.74 11.69
CA ARG B 380 -35.55 12.56 11.94
C ARG B 380 -36.97 12.75 11.39
N ALA B 381 -37.45 14.00 11.45
CA ALA B 381 -38.81 14.33 11.05
C ALA B 381 -39.00 14.49 9.54
N LEU B 382 -37.89 14.53 8.80
CA LEU B 382 -37.94 14.70 7.34
C LEU B 382 -38.52 13.47 6.63
N PRO B 383 -39.31 13.69 5.56
CA PRO B 383 -40.05 12.60 4.89
C PRO B 383 -39.19 11.47 4.33
N ALA B 384 -38.01 11.80 3.82
CA ALA B 384 -37.14 10.81 3.18
C ALA B 384 -36.15 10.14 4.15
N VAL B 385 -36.14 10.58 5.41
CA VAL B 385 -35.18 10.09 6.41
C VAL B 385 -35.72 8.91 7.21
N THR B 386 -34.99 7.78 7.16
CA THR B 386 -35.38 6.58 7.89
C THR B 386 -34.66 6.43 9.23
N ASP B 387 -33.43 6.95 9.31
CA ASP B 387 -32.65 6.87 10.54
C ASP B 387 -31.67 8.03 10.69
N VAL B 388 -31.42 8.41 11.93
CA VAL B 388 -30.35 9.33 12.29
C VAL B 388 -29.58 8.67 13.43
N ARG B 389 -28.26 8.55 13.26
CA ARG B 389 -27.44 7.88 14.26
C ARG B 389 -26.06 8.50 14.41
N VAL B 390 -25.57 8.49 15.65
CA VAL B 390 -24.29 9.08 16.00
C VAL B 390 -23.51 8.10 16.89
N CYS B 391 -22.21 7.96 16.62
CA CYS B 391 -21.32 7.17 17.46
C CYS B 391 -19.97 7.88 17.49
N GLY B 392 -19.61 8.43 18.65
CA GLY B 392 -18.43 9.26 18.76
C GLY B 392 -18.49 10.39 17.73
N ALA B 393 -17.36 10.65 17.08
CA ALA B 393 -17.29 11.69 16.06
C ALA B 393 -17.72 11.18 14.69
N ILE B 394 -18.89 10.53 14.64
CA ILE B 394 -19.48 10.01 13.41
C ILE B 394 -20.98 10.33 13.43
N GLY B 395 -21.46 10.96 12.36
CA GLY B 395 -22.88 11.32 12.25
C GLY B 395 -23.46 10.85 10.93
N VAL B 396 -24.62 10.20 10.98
CA VAL B 396 -25.23 9.59 9.80
C VAL B 396 -26.72 9.92 9.69
N ILE B 397 -27.12 10.40 8.52
CA ILE B 397 -28.53 10.45 8.14
C ILE B 397 -28.76 9.39 7.06
N GLU B 398 -29.59 8.39 7.36
CA GLU B 398 -29.96 7.38 6.38
C GLU B 398 -31.28 7.75 5.71
N CYS B 399 -31.29 7.78 4.37
CA CYS B 399 -32.47 8.12 3.59
C CYS B 399 -33.12 6.87 2.99
N ASP B 400 -34.33 7.04 2.45
CA ASP B 400 -35.10 5.94 1.87
C ASP B 400 -34.88 5.77 0.36
N ARG B 401 -33.94 6.53 -0.18
CA ARG B 401 -33.58 6.48 -1.59
C ARG B 401 -32.13 6.95 -1.79
N PRO B 402 -31.51 6.59 -2.93
CA PRO B 402 -30.15 7.06 -3.22
C PRO B 402 -30.05 8.59 -3.27
N VAL B 403 -28.94 9.11 -2.76
CA VAL B 403 -28.69 10.55 -2.75
C VAL B 403 -27.99 10.96 -4.05
N ASP B 404 -28.62 11.87 -4.79
CA ASP B 404 -28.06 12.39 -6.04
C ASP B 404 -26.86 13.29 -5.75
N LEU B 405 -25.67 12.80 -6.10
CA LEU B 405 -24.41 13.54 -5.89
C LEU B 405 -24.34 14.83 -6.69
N ALA B 406 -24.96 14.82 -7.87
CA ALA B 406 -25.02 16.02 -8.72
C ALA B 406 -25.81 17.15 -8.06
N VAL B 407 -26.71 16.78 -7.14
CA VAL B 407 -27.50 17.74 -6.39
C VAL B 407 -26.89 18.02 -5.02
N ALA B 408 -26.51 16.96 -4.32
CA ALA B 408 -26.00 17.06 -2.94
C ALA B 408 -24.69 17.83 -2.79
N THR B 409 -23.75 17.57 -3.69
CA THR B 409 -22.41 18.17 -3.59
C THR B 409 -22.42 19.71 -3.68
N PRO B 410 -23.07 20.28 -4.72
CA PRO B 410 -23.19 21.75 -4.76
C PRO B 410 -24.05 22.34 -3.64
N ALA B 411 -25.04 21.58 -3.17
CA ALA B 411 -25.89 22.01 -2.05
C ALA B 411 -25.08 22.22 -0.77
N ALA B 412 -24.13 21.33 -0.53
CA ALA B 412 -23.27 21.41 0.64
C ALA B 412 -22.20 22.49 0.46
N LEU B 413 -21.65 22.58 -0.75
CA LEU B 413 -20.59 23.55 -1.06
C LEU B 413 -21.06 24.99 -0.88
N ASP B 414 -22.28 25.28 -1.32
CA ASP B 414 -22.85 26.61 -1.15
C ASP B 414 -23.02 26.98 0.33
N ARG B 415 -23.06 25.96 1.19
CA ARG B 415 -23.17 26.15 2.64
C ARG B 415 -21.81 26.07 3.36
N GLY B 416 -20.73 26.03 2.59
CA GLY B 416 -19.38 26.04 3.14
C GLY B 416 -18.93 24.70 3.72
N VAL B 417 -19.47 23.62 3.19
CA VAL B 417 -19.16 22.27 3.68
C VAL B 417 -18.86 21.30 2.54
N TRP B 418 -17.78 20.53 2.69
CA TRP B 418 -17.49 19.43 1.78
C TRP B 418 -18.07 18.16 2.34
N LEU B 419 -19.08 17.63 1.64
CA LEU B 419 -19.72 16.36 1.99
C LEU B 419 -19.70 15.43 0.79
N ARG B 420 -19.56 14.14 1.04
CA ARG B 420 -19.65 13.15 -0.03
C ARG B 420 -20.58 12.02 0.38
N PRO B 421 -21.87 12.14 0.02
CA PRO B 421 -22.81 11.07 0.31
C PRO B 421 -22.46 9.80 -0.46
N PHE B 422 -22.93 8.67 0.05
CA PHE B 422 -22.76 7.40 -0.62
C PHE B 422 -24.07 6.63 -0.52
N ARG B 423 -24.51 6.06 -1.63
CA ARG B 423 -25.80 5.37 -1.69
C ARG B 423 -26.92 6.22 -1.09
N ASN B 424 -27.54 5.74 -0.02
CA ASN B 424 -28.66 6.43 0.63
C ASN B 424 -28.23 7.14 1.92
N LEU B 425 -26.93 7.37 2.06
CA LEU B 425 -26.37 7.90 3.31
C LEU B 425 -25.78 9.29 3.15
N VAL B 426 -26.15 10.19 4.05
CA VAL B 426 -25.52 11.50 4.18
C VAL B 426 -24.79 11.49 5.52
N TYR B 427 -23.46 11.54 5.49
CA TYR B 427 -22.70 11.33 6.70
C TYR B 427 -21.45 12.17 6.87
N ALA B 428 -20.99 12.29 8.10
CA ALA B 428 -19.77 13.02 8.40
C ALA B 428 -18.93 12.34 9.48
N MET B 429 -17.62 12.50 9.35
CA MET B 429 -16.69 12.09 10.38
C MET B 429 -15.66 13.22 10.52
N PRO B 430 -16.04 14.30 11.24
CA PRO B 430 -15.30 15.54 11.20
C PRO B 430 -14.00 15.50 11.99
N PRO B 431 -13.03 16.38 11.65
CA PRO B 431 -11.81 16.47 12.44
C PRO B 431 -12.11 16.76 13.91
N TYR B 432 -11.28 16.22 14.79
CA TYR B 432 -11.46 16.38 16.25
C TYR B 432 -11.33 17.82 16.70
N ILE B 433 -10.71 18.65 15.87
CA ILE B 433 -10.46 20.06 16.20
C ILE B 433 -11.63 20.99 15.86
N CYS B 434 -12.70 20.45 15.27
CA CYS B 434 -13.88 21.23 14.90
C CYS B 434 -14.53 21.87 16.12
N THR B 435 -14.75 23.18 16.04
CA THR B 435 -15.44 23.93 17.10
C THR B 435 -16.94 23.64 17.06
N PRO B 436 -17.67 23.97 18.15
CA PRO B 436 -19.13 23.88 18.15
C PRO B 436 -19.79 24.58 16.96
N ALA B 437 -19.30 25.78 16.62
CA ALA B 437 -19.81 26.54 15.48
C ALA B 437 -19.61 25.80 14.16
N GLU B 438 -18.47 25.10 14.04
CA GLU B 438 -18.16 24.33 12.83
C GLU B 438 -19.02 23.07 12.71
N ILE B 439 -19.25 22.41 13.84
CA ILE B 439 -20.14 21.25 13.88
C ILE B 439 -21.59 21.64 13.53
N THR B 440 -22.04 22.80 14.02
CA THR B 440 -23.34 23.35 13.63
C THR B 440 -23.43 23.55 12.12
N GLN B 441 -22.39 24.14 11.54
CA GLN B 441 -22.32 24.36 10.10
C GLN B 441 -22.37 23.05 9.31
N ILE B 442 -21.62 22.04 9.77
CA ILE B 442 -21.60 20.73 9.13
C ILE B 442 -22.97 20.07 9.17
N THR B 443 -23.56 19.99 10.36
CA THR B 443 -24.85 19.34 10.55
C THR B 443 -26.00 20.04 9.81
N SER B 444 -25.96 21.38 9.74
CA SER B 444 -26.96 22.15 9.01
CA SER B 444 -26.97 22.13 9.01
C SER B 444 -26.96 21.77 7.53
N ALA B 445 -25.76 21.67 6.96
CA ALA B 445 -25.60 21.27 5.56
C ALA B 445 -26.11 19.84 5.32
N MET B 446 -25.82 18.95 6.26
CA MET B 446 -26.29 17.57 6.19
C MET B 446 -27.82 17.48 6.21
N VAL B 447 -28.44 18.24 7.11
CA VAL B 447 -29.91 18.27 7.23
C VAL B 447 -30.54 18.80 5.95
N GLU B 448 -29.91 19.81 5.34
CA GLU B 448 -30.41 20.39 4.11
C GLU B 448 -30.24 19.50 2.88
N VAL B 449 -29.17 18.72 2.84
CA VAL B 449 -28.99 17.72 1.80
C VAL B 449 -30.12 16.69 1.90
N ALA B 450 -30.43 16.27 3.13
CA ALA B 450 -31.51 15.32 3.40
C ALA B 450 -32.89 15.87 3.02
N ARG B 451 -33.08 17.17 3.22
CA ARG B 451 -34.33 17.84 2.84
C ARG B 451 -34.55 17.78 1.33
N LEU B 452 -33.49 18.04 0.57
CA LEU B 452 -33.55 18.03 -0.89
C LEU B 452 -33.78 16.63 -1.48
N VAL B 453 -33.41 15.60 -0.72
CA VAL B 453 -33.61 14.21 -1.13
C VAL B 453 -35.10 13.89 -1.29
N GLY B 454 -35.91 14.40 -0.36
CA GLY B 454 -37.36 14.16 -0.39
C GLY B 454 -38.16 15.23 -1.11
N SER B 455 -37.50 16.02 -1.95
CA SER B 455 -38.16 17.12 -2.67
C SER B 455 -38.64 16.74 -4.06
N LEU B 456 -37.70 16.39 -4.94
CA LEU B 456 -37.98 16.04 -6.34
C LEU B 456 -38.80 17.08 -7.10
CAB 41E C . 12.45 -3.31 2.06
CAU 41E C . 13.44 -4.44 2.30
OAC 41E C . 14.51 -4.20 2.87
CAZ 41E C . 13.10 -5.67 1.90
SAT 41E C . 14.14 -6.93 1.92
CAI 41E C . 11.92 -6.10 1.43
CAJ 41E C . 11.90 -7.42 1.12
CBA 41E C . 13.08 -8.04 1.32
CAW 41E C . 13.41 -9.33 1.15
OAE 41E C . 14.04 -9.87 2.06
NBC 41E C . 13.05 -10.06 0.06
CAQ 41E C . 12.29 -9.48 -1.11
CAO 41E C . 11.35 -10.48 -1.78
CAP 41E C . 13.48 -11.49 0.02
CAN 41E C . 12.38 -12.38 -0.55
CBB 41E C . 12.02 -11.85 -1.94
CAM 41E C . 11.11 -12.78 -2.75
CAL 41E C . 11.15 -14.24 -2.27
CAV 41E C . 9.75 -14.62 -1.77
OAD 41E C . 8.80 -13.87 -1.97
NAR 41E C . 9.69 -15.80 -1.11
CAX 41E C . 8.52 -16.24 -0.65
CAK 41E C . 7.33 -15.54 -0.90
CAG 41E C . 8.47 -17.43 0.07
CAF 41E C . 7.24 -17.91 0.56
CAH 41E C . 6.06 -17.19 0.32
CAY 41E C . 6.11 -16.01 -0.42
OAS 41E C . 4.98 -15.30 -0.68
CAA 41E C . 4.86 -14.12 0.12
N1 PLP D . 6.89 -5.96 -8.30
C2 PLP D . 8.23 -5.87 -8.48
C2A PLP D . 8.85 -6.22 -9.81
C3 PLP D . 9.09 -5.43 -7.37
O3 PLP D . 10.45 -5.35 -7.54
C4 PLP D . 8.43 -5.11 -6.08
C4A PLP D . 9.17 -4.65 -4.86
C5 PLP D . 6.96 -5.23 -6.01
C6 PLP D . 6.27 -5.67 -7.14
C5A PLP D . 6.21 -4.95 -4.72
O4P PLP D . 6.34 -3.60 -4.28
P PLP D . 6.02 -3.23 -2.73
O1P PLP D . 4.66 -3.80 -2.42
O2P PLP D . 7.13 -3.90 -1.96
O3P PLP D . 6.05 -1.72 -2.75
CAB 41E E . -10.17 7.97 -0.64
CAU 41E E . -11.60 8.24 -1.15
OAC 41E E . -11.99 9.39 -1.32
CAZ 41E E . -12.38 7.18 -1.45
SAT 41E E . -13.97 7.29 -1.94
CAI 41E E . -12.05 5.87 -1.44
CAJ 41E E . -13.05 5.04 -1.82
CBA 41E E . -14.20 5.66 -2.11
CAW 41E E . -15.37 5.13 -2.53
OAE 41E E . -15.88 5.61 -3.54
NBC 41E E . -15.97 4.09 -1.91
CAQ 41E E . -15.45 3.44 -0.67
CAO 41E E . -15.55 1.92 -0.73
CAP 41E E . -17.26 3.59 -2.48
CAN 41E E . -17.27 2.07 -2.57
CBB 41E E . -16.94 1.46 -1.20
CAM 41E E . -16.93 -0.06 -1.28
CAL 41E E . -18.35 -0.62 -1.47
CAV 41E E . -18.51 -1.09 -2.92
OAD 41E E . -19.34 -0.55 -3.66
NAR 41E E . -17.69 -2.11 -3.25
CAX 41E E . -17.67 -2.69 -4.47
CAK 41E E . -16.50 -3.34 -4.85
CAG 41E E . -18.78 -2.72 -5.33
CAF 41E E . -18.69 -3.36 -6.55
CAH 41E E . -17.51 -4.00 -6.94
CAY 41E E . -16.41 -3.99 -6.09
OAS 41E E . -15.26 -4.62 -6.49
CAA 41E E . -14.12 -4.34 -5.66
N1 PLP F . -10.43 -1.85 6.24
C2 PLP F . -11.26 -0.89 6.70
C2A PLP F . -12.18 -1.18 7.86
C3 PLP F . -11.29 0.44 6.08
O3 PLP F . -12.13 1.39 6.55
C4 PLP F . -10.35 0.66 4.93
C4A PLP F . -10.27 1.96 4.17
C5 PLP F . -9.49 -0.46 4.50
C6 PLP F . -9.59 -1.66 5.19
C5A PLP F . -8.55 -0.30 3.32
O4P PLP F . -7.60 0.75 3.50
P PLP F . -6.81 1.37 2.23
O1P PLP F . -7.87 2.09 1.44
O2P PLP F . -5.77 2.24 2.88
O3P PLP F . -6.24 0.17 1.50
#